data_6UMH
#
_entry.id   6UMH
#
_cell.length_a   124.273
_cell.length_b   55.913
_cell.length_c   170.086
_cell.angle_alpha   90.000
_cell.angle_beta   110.930
_cell.angle_gamma   90.000
#
_symmetry.space_group_name_H-M   'C 1 2 1'
#
loop_
_entity.id
_entity.type
_entity.pdbx_description
1 polymer 'erenumab Fab heavy chain, IgG1'
2 polymer 'erenumab Fab light chain, IgG1'
3 non-polymer 1,3-PROPANDIOL
4 non-polymer 'PHOSPHATE ION'
5 non-polymer (4S)-2-METHYL-2,4-PENTANEDIOL
6 water water
#
loop_
_entity_poly.entity_id
_entity_poly.type
_entity_poly.pdbx_seq_one_letter_code
_entity_poly.pdbx_strand_id
1 'polypeptide(L)'
;QVQLVESGGGVVQPGRSLRLSCAASGFTFSSFGMHWVRQAPGKGLEWVAVISFDGSIKYSVDSVKGRFTISRDNSKNTLF
LQMNSLRAEDTAVYYCARDRLNYYDSSGYYHYKYYGMAVWGQGTTVTVSSASTKGPSVFPLAPSSKSTSGGTAALGCLVK
DYFPEPVTVSWNSGALTSGVHTFPAVLQSSGLYSLSSVVTVPSSSLGTQTYICNVNHKPSNTKVDKKVEPKSCDEVD
;
H,h
2 'polypeptide(L)'
;QSVLTQPPSVSAAPGQKVTISCSGSSSNIGNNYVSWYQQLPGTAPKLLIYDNNKRPSGIPDRFSGSKSGTSTTLGITGLQ
TGDEADYYCGTWDSRLSAVVFGGGTKLTVLGQPKANPTVTLFPPSSEELQANKATLVCLISDFYPGAVTVAWKADGSPVK
AGVETTKPSKQSNNKYAASSYLSLTPEQWKSHRSYSCQVTHEGSTVEKTVAPTECS
;
L,l
#
loop_
_chem_comp.id
_chem_comp.type
_chem_comp.name
_chem_comp.formula
MPD non-polymer (4S)-2-METHYL-2,4-PENTANEDIOL 'C6 H14 O2'
PDO non-polymer 1,3-PROPANDIOL 'C3 H8 O2'
PO4 non-polymer 'PHOSPHATE ION' 'O4 P -3'
#
# COMPACT_ATOMS: atom_id res chain seq x y z
N GLN A 1 39.40 33.93 0.40
CA GLN A 1 39.30 34.20 -1.08
C GLN A 1 39.65 32.95 -1.89
N VAL A 2 39.76 31.80 -1.21
CA VAL A 2 39.70 30.50 -1.85
C VAL A 2 38.33 30.43 -2.48
N GLN A 3 38.27 30.19 -3.78
CA GLN A 3 37.02 30.33 -4.51
C GLN A 3 37.06 29.63 -5.88
N LEU A 4 35.95 29.00 -6.22
CA LEU A 4 35.75 28.50 -7.58
C LEU A 4 34.46 29.11 -8.07
N VAL A 5 34.49 29.71 -9.26
CA VAL A 5 33.32 30.37 -9.83
C VAL A 5 33.05 29.78 -11.20
N GLU A 6 31.92 29.09 -11.35
CA GLU A 6 31.54 28.56 -12.66
C GLU A 6 30.85 29.63 -13.49
N SER A 7 31.02 29.54 -14.82
CA SER A 7 30.24 30.38 -15.74
C SER A 7 30.08 29.68 -17.10
N GLY A 8 29.39 30.33 -18.03
CA GLY A 8 29.20 29.79 -19.37
C GLY A 8 27.92 28.98 -19.52
N GLY A 9 27.16 28.84 -18.44
CA GLY A 9 25.89 28.13 -18.50
C GLY A 9 24.81 29.01 -19.10
N GLY A 10 23.58 28.54 -19.05
CA GLY A 10 22.44 29.28 -19.60
C GLY A 10 21.48 28.35 -20.29
N VAL A 11 20.61 28.94 -21.10
CA VAL A 11 19.64 28.19 -21.87
C VAL A 11 20.18 27.90 -23.27
N VAL A 12 20.15 26.62 -23.66
CA VAL A 12 20.44 26.23 -25.04
C VAL A 12 19.44 25.21 -25.53
N GLN A 13 19.32 25.14 -26.85
CA GLN A 13 18.44 24.19 -27.50
C GLN A 13 19.13 22.84 -27.68
N PRO A 14 18.36 21.74 -27.60
CA PRO A 14 18.91 20.39 -27.80
C PRO A 14 19.74 20.31 -29.08
N GLY A 15 20.81 19.52 -29.01
CA GLY A 15 21.73 19.43 -30.13
C GLY A 15 22.83 20.49 -30.13
N ARG A 16 22.63 21.64 -29.48
CA ARG A 16 23.66 22.70 -29.46
C ARG A 16 24.74 22.39 -28.43
N SER A 17 25.73 23.27 -28.37
CA SER A 17 26.86 23.09 -27.49
C SER A 17 27.02 24.28 -26.55
N LEU A 18 27.89 24.10 -25.56
CA LEU A 18 28.12 25.07 -24.51
C LEU A 18 29.51 24.77 -23.93
N ARG A 19 30.20 25.82 -23.49
CA ARG A 19 31.51 25.65 -22.90
C ARG A 19 31.49 26.26 -21.50
N LEU A 20 31.61 25.41 -20.48
CA LEU A 20 31.64 25.90 -19.11
C LEU A 20 33.07 26.26 -18.71
N SER A 21 33.19 27.31 -17.90
CA SER A 21 34.44 27.72 -17.27
C SER A 21 34.31 27.67 -15.77
N CYS A 22 35.42 27.38 -15.11
CA CYS A 22 35.50 27.43 -13.66
C CYS A 22 36.79 28.18 -13.33
N ALA A 23 36.65 29.40 -12.84
CA ALA A 23 37.81 30.22 -12.49
C ALA A 23 38.20 29.93 -11.05
N ALA A 24 39.48 29.64 -10.82
CA ALA A 24 39.99 29.34 -9.49
C ALA A 24 40.78 30.51 -8.94
N SER A 25 40.58 30.81 -7.67
CA SER A 25 41.36 31.85 -7.01
C SER A 25 41.64 31.52 -5.54
N GLY A 26 42.67 32.16 -4.98
CA GLY A 26 43.01 32.02 -3.58
C GLY A 26 43.86 30.81 -3.27
N PHE A 27 44.31 30.11 -4.31
CA PHE A 27 45.19 28.96 -4.12
C PHE A 27 45.89 28.66 -5.44
N THR A 28 46.90 27.82 -5.38
CA THR A 28 47.66 27.52 -6.59
C THR A 28 46.96 26.42 -7.39
N PHE A 29 46.15 26.87 -8.35
CA PHE A 29 45.30 26.03 -9.17
C PHE A 29 46.04 24.87 -9.80
N SER A 30 47.23 25.17 -10.31
CA SER A 30 48.04 24.20 -11.05
C SER A 30 48.57 23.06 -10.16
N SER A 31 48.42 23.18 -8.86
CA SER A 31 48.82 22.10 -7.95
C SER A 31 47.70 21.10 -7.68
N PHE A 32 46.49 21.35 -8.19
CA PHE A 32 45.30 20.54 -7.81
C PHE A 32 44.56 19.79 -8.93
N GLY A 33 44.17 18.56 -8.62
CA GLY A 33 43.18 17.84 -9.42
C GLY A 33 41.81 18.46 -9.27
N MET A 34 41.01 18.37 -10.33
CA MET A 34 39.71 19.05 -10.39
C MET A 34 38.63 18.14 -10.96
N HIS A 35 37.40 18.35 -10.50
CA HIS A 35 36.24 17.57 -10.95
C HIS A 35 35.17 18.50 -11.45
N TRP A 36 34.33 17.98 -12.34
CA TRP A 36 33.00 18.53 -12.57
C TRP A 36 31.97 17.53 -12.02
N VAL A 37 30.95 18.06 -11.36
CA VAL A 37 29.82 17.29 -10.83
C VAL A 37 28.54 18.03 -11.22
N ARG A 38 27.47 17.30 -11.57
CA ARG A 38 26.19 17.97 -11.85
C ARG A 38 25.02 17.45 -11.03
N GLN A 39 23.95 18.22 -11.00
CA GLN A 39 22.77 17.84 -10.23
C GLN A 39 21.54 18.43 -10.86
N ALA A 40 20.64 17.55 -11.31
CA ALA A 40 19.32 17.99 -11.77
C ALA A 40 18.49 18.37 -10.56
N PRO A 41 17.64 19.40 -10.69
CA PRO A 41 16.82 19.87 -9.54
C PRO A 41 16.04 18.74 -8.88
N GLY A 42 16.10 18.65 -7.57
CA GLY A 42 15.43 17.56 -6.85
C GLY A 42 16.05 16.18 -7.00
N LYS A 43 17.22 16.07 -7.65
CA LYS A 43 17.89 14.78 -7.85
C LYS A 43 19.24 14.75 -7.15
N GLY A 44 19.90 13.59 -7.23
CA GLY A 44 21.18 13.37 -6.57
C GLY A 44 22.35 13.92 -7.36
N LEU A 45 23.50 13.99 -6.70
CA LEU A 45 24.74 14.42 -7.33
C LEU A 45 25.15 13.38 -8.34
N GLU A 46 25.58 13.83 -9.52
CA GLU A 46 26.12 12.93 -10.52
C GLU A 46 27.48 13.43 -10.99
N TRP A 47 28.51 12.63 -10.74
CA TRP A 47 29.88 12.97 -11.14
C TRP A 47 29.99 12.95 -12.64
N VAL A 48 30.70 13.93 -13.19
CA VAL A 48 30.88 14.04 -14.64
C VAL A 48 32.29 13.71 -15.09
N ALA A 49 33.30 14.31 -14.46
CA ALA A 49 34.68 14.11 -14.90
C ALA A 49 35.70 14.63 -13.92
N VAL A 50 36.92 14.14 -14.09
CA VAL A 50 38.09 14.56 -13.30
C VAL A 50 39.30 14.73 -14.22
N ILE A 51 40.20 15.63 -13.82
CA ILE A 51 41.41 15.91 -14.57
C ILE A 51 42.58 16.18 -13.62
N SER A 52 43.73 15.58 -13.91
CA SER A 52 44.92 15.72 -13.09
C SER A 52 45.43 17.17 -13.11
N PHE A 53 46.27 17.48 -12.13
CA PHE A 53 46.86 18.83 -12.00
C PHE A 53 47.49 19.38 -13.28
N ASP A 54 48.16 18.50 -14.02
CA ASP A 54 48.89 18.90 -15.25
C ASP A 54 48.09 18.74 -16.54
N GLY A 55 46.91 18.13 -16.48
CA GLY A 55 46.05 18.00 -17.65
C GLY A 55 46.18 16.70 -18.42
N SER A 56 47.15 15.86 -18.05
CA SER A 56 47.42 14.65 -18.84
C SER A 56 46.50 13.45 -18.57
N ILE A 57 45.81 13.45 -17.43
CA ILE A 57 44.99 12.30 -17.03
C ILE A 57 43.55 12.72 -16.78
N LYS A 58 42.64 12.08 -17.50
CA LYS A 58 41.22 12.41 -17.46
C LYS A 58 40.37 11.14 -17.33
N TYR A 59 39.25 11.27 -16.62
CA TYR A 59 38.21 10.25 -16.63
C TYR A 59 36.87 10.96 -16.60
N SER A 60 35.84 10.29 -17.12
CA SER A 60 34.49 10.86 -17.19
C SER A 60 33.43 9.76 -17.20
N VAL A 61 32.20 10.11 -16.87
CA VAL A 61 31.12 9.14 -16.87
C VAL A 61 30.85 8.69 -18.32
N ASP A 62 30.51 7.41 -18.51
CA ASP A 62 30.23 6.83 -19.83
C ASP A 62 29.24 7.64 -20.66
N SER A 63 28.17 8.11 -20.02
CA SER A 63 27.07 8.78 -20.75
C SER A 63 27.44 10.11 -21.43
N VAL A 64 28.58 10.71 -21.08
CA VAL A 64 29.02 11.93 -21.74
C VAL A 64 30.19 11.76 -22.72
N LYS A 65 30.68 10.53 -22.86
CA LYS A 65 31.84 10.28 -23.74
C LYS A 65 31.51 10.49 -25.21
N GLY A 66 32.41 11.18 -25.91
CA GLY A 66 32.17 11.60 -27.28
C GLY A 66 31.48 12.96 -27.36
N ARG A 67 30.93 13.43 -26.25
CA ARG A 67 30.17 14.68 -26.24
C ARG A 67 30.83 15.76 -25.36
N PHE A 68 31.31 15.36 -24.17
CA PHE A 68 31.87 16.30 -23.20
C PHE A 68 33.36 16.10 -23.16
N THR A 69 34.12 17.20 -23.05
CA THR A 69 35.57 17.11 -22.84
C THR A 69 35.97 18.01 -21.66
N ILE A 70 36.65 17.41 -20.68
CA ILE A 70 37.26 18.18 -19.60
C ILE A 70 38.68 18.57 -20.01
N SER A 71 39.03 19.83 -19.78
CA SER A 71 40.36 20.35 -20.02
C SER A 71 40.62 21.50 -19.06
N ARG A 72 41.84 22.00 -19.07
CA ARG A 72 42.21 23.11 -18.23
C ARG A 72 43.37 23.93 -18.78
N ASP A 73 43.44 25.17 -18.36
CA ASP A 73 44.53 26.08 -18.73
C ASP A 73 45.11 26.62 -17.44
N ASN A 74 46.25 26.07 -17.04
CA ASN A 74 46.84 26.44 -15.77
C ASN A 74 47.37 27.86 -15.75
N SER A 75 47.73 28.40 -16.92
CA SER A 75 48.20 29.79 -17.01
C SER A 75 47.08 30.78 -16.70
N LYS A 76 45.83 30.36 -16.86
CA LYS A 76 44.69 31.24 -16.63
C LYS A 76 43.79 30.80 -15.48
N ASN A 77 44.30 29.91 -14.64
CA ASN A 77 43.55 29.41 -13.49
C ASN A 77 42.11 28.99 -13.83
N THR A 78 41.96 28.25 -14.92
CA THR A 78 40.67 27.93 -15.44
C THR A 78 40.53 26.48 -15.84
N LEU A 79 39.40 25.91 -15.44
CA LEU A 79 39.00 24.56 -15.78
C LEU A 79 37.83 24.70 -16.75
N PHE A 80 37.76 23.81 -17.74
CA PHE A 80 36.74 23.90 -18.77
C PHE A 80 35.95 22.60 -18.84
N LEU A 81 34.70 22.73 -19.29
CA LEU A 81 33.90 21.58 -19.74
C LEU A 81 33.20 21.95 -21.05
N GLN A 82 33.73 21.42 -22.15
CA GLN A 82 33.13 21.53 -23.47
C GLN A 82 32.02 20.50 -23.57
N MET A 83 30.78 20.96 -23.75
CA MET A 83 29.61 20.09 -23.83
C MET A 83 28.95 20.24 -25.19
N ASN A 84 29.09 19.22 -26.03
CA ASN A 84 28.47 19.21 -27.36
C ASN A 84 27.26 18.30 -27.39
N SER A 85 26.38 18.56 -28.35
CA SER A 85 25.25 17.69 -28.61
C SER A 85 24.44 17.48 -27.34
N LEU A 86 24.08 18.59 -26.71
CA LEU A 86 23.36 18.57 -25.44
C LEU A 86 21.97 17.98 -25.58
N ARG A 87 21.54 17.23 -24.57
CA ARG A 87 20.19 16.68 -24.52
C ARG A 87 19.51 17.17 -23.27
N ALA A 88 18.20 16.95 -23.18
CA ALA A 88 17.42 17.28 -21.99
C ALA A 88 17.95 16.59 -20.71
N GLU A 89 18.46 15.37 -20.83
CA GLU A 89 19.08 14.69 -19.70
C GLU A 89 20.32 15.41 -19.12
N ASP A 90 20.88 16.40 -19.85
CA ASP A 90 22.04 17.19 -19.35
C ASP A 90 21.64 18.46 -18.60
N THR A 91 20.36 18.75 -18.54
CA THR A 91 19.87 19.87 -17.77
C THR A 91 20.20 19.66 -16.28
N ALA A 92 20.87 20.64 -15.68
CA ALA A 92 21.39 20.48 -14.32
C ALA A 92 22.14 21.70 -13.90
N VAL A 93 22.39 21.79 -12.61
CA VAL A 93 23.42 22.70 -12.13
C VAL A 93 24.77 21.99 -12.20
N TYR A 94 25.77 22.69 -12.71
CA TYR A 94 27.10 22.15 -12.87
C TYR A 94 28.02 22.83 -11.87
N TYR A 95 28.70 22.02 -11.06
CA TYR A 95 29.67 22.47 -10.05
C TYR A 95 31.06 22.00 -10.43
N CYS A 96 32.08 22.79 -10.12
CA CYS A 96 33.44 22.30 -10.16
C CYS A 96 33.91 22.13 -8.72
N ALA A 97 34.85 21.22 -8.52
CA ALA A 97 35.37 20.97 -7.18
C ALA A 97 36.82 20.59 -7.23
N ARG A 98 37.54 20.99 -6.17
CA ARG A 98 38.97 20.78 -6.02
C ARG A 98 39.25 19.57 -5.15
N ASP A 99 40.18 18.72 -5.57
CA ASP A 99 40.49 17.52 -4.85
C ASP A 99 41.96 17.22 -4.48
N ARG A 100 42.68 16.59 -5.37
CA ARG A 100 44.07 16.18 -5.07
C ARG A 100 45.11 17.30 -5.05
N LEU A 101 45.81 17.41 -3.93
CA LEU A 101 46.93 18.34 -3.77
C LEU A 101 48.21 17.64 -4.16
N ASN A 102 49.02 18.31 -4.98
CA ASN A 102 50.34 17.85 -5.37
C ASN A 102 51.34 18.91 -4.92
N TYR A 103 52.41 18.49 -4.26
CA TYR A 103 53.38 19.44 -3.68
C TYR A 103 54.74 18.79 -3.52
N TYR A 104 55.75 19.62 -3.30
CA TYR A 104 57.06 19.16 -2.85
C TYR A 104 57.23 19.54 -1.38
N ASP A 105 57.67 18.60 -0.56
CA ASP A 105 57.91 18.88 0.87
C ASP A 105 59.22 19.65 1.02
N SER A 106 59.58 19.97 2.26
CA SER A 106 60.75 20.81 2.52
C SER A 106 62.07 20.16 2.08
N SER A 107 62.13 18.83 2.06
CA SER A 107 63.32 18.15 1.54
C SER A 107 63.33 17.97 0.00
N GLY A 108 62.31 18.46 -0.71
CA GLY A 108 62.25 18.29 -2.16
C GLY A 108 61.57 17.03 -2.69
N TYR A 109 60.93 16.26 -1.82
CA TYR A 109 60.24 15.03 -2.23
C TYR A 109 58.82 15.31 -2.74
N TYR A 110 58.42 14.64 -3.81
CA TYR A 110 57.08 14.81 -4.36
C TYR A 110 56.06 14.12 -3.46
N HIS A 111 55.00 14.83 -3.13
CA HIS A 111 53.94 14.23 -2.34
C HIS A 111 52.58 14.68 -2.87
N TYR A 112 51.56 13.90 -2.57
CA TYR A 112 50.22 14.25 -2.98
C TYR A 112 49.22 13.67 -2.02
N LYS A 113 48.02 14.25 -2.00
CA LYS A 113 46.97 13.80 -1.10
C LYS A 113 45.60 14.11 -1.68
N TYR A 114 44.78 13.05 -1.79
CA TYR A 114 43.37 13.17 -2.19
C TYR A 114 42.59 13.62 -0.97
N TYR A 115 41.72 14.62 -1.15
CA TYR A 115 40.91 15.15 -0.04
C TYR A 115 39.42 14.94 -0.26
N GLY A 116 39.06 14.19 -1.30
CA GLY A 116 37.69 14.20 -1.82
C GLY A 116 37.39 15.57 -2.43
N MET A 117 36.12 15.89 -2.62
CA MET A 117 35.80 17.21 -3.16
C MET A 117 35.69 18.22 -2.06
N ALA A 118 36.84 18.80 -1.76
CA ALA A 118 37.03 19.56 -0.55
C ALA A 118 36.62 21.02 -0.69
N VAL A 119 36.68 21.54 -1.91
CA VAL A 119 36.25 22.89 -2.19
C VAL A 119 35.37 22.83 -3.42
N TRP A 120 34.17 23.44 -3.31
CA TRP A 120 33.18 23.45 -4.37
C TRP A 120 32.91 24.86 -4.84
N GLY A 121 32.58 25.00 -6.12
CA GLY A 121 32.04 26.28 -6.60
C GLY A 121 30.59 26.44 -6.19
N GLN A 122 29.97 27.50 -6.66
CA GLN A 122 28.59 27.78 -6.29
C GLN A 122 27.60 27.25 -7.32
N GLY A 123 28.12 26.79 -8.46
CA GLY A 123 27.32 26.14 -9.48
C GLY A 123 26.86 27.09 -10.57
N THR A 124 26.67 26.55 -11.76
CA THR A 124 26.11 27.31 -12.86
C THR A 124 25.00 26.45 -13.50
N THR A 125 23.84 27.06 -13.74
CA THR A 125 22.68 26.40 -14.27
C THR A 125 22.79 26.20 -15.79
N VAL A 126 22.63 24.96 -16.23
CA VAL A 126 22.50 24.64 -17.64
C VAL A 126 21.08 24.11 -17.92
N THR A 127 20.38 24.74 -18.87
CA THR A 127 19.01 24.37 -19.23
C THR A 127 18.98 24.03 -20.71
N VAL A 128 18.74 22.77 -21.03
CA VAL A 128 18.66 22.31 -22.41
C VAL A 128 17.18 22.20 -22.76
N SER A 129 16.64 23.25 -23.38
CA SER A 129 15.20 23.35 -23.66
C SER A 129 14.91 24.43 -24.70
N SER A 130 13.90 24.15 -25.54
CA SER A 130 13.38 25.12 -26.49
C SER A 130 12.13 25.84 -25.98
N ALA A 131 11.82 25.69 -24.69
CA ALA A 131 10.63 26.30 -24.11
C ALA A 131 10.62 27.81 -24.30
N SER A 132 9.42 28.34 -24.52
CA SER A 132 9.19 29.78 -24.55
C SER A 132 7.72 29.99 -24.25
N THR A 133 7.29 31.24 -24.25
CA THR A 133 6.00 31.61 -23.70
C THR A 133 4.86 30.75 -24.26
N LYS A 134 4.13 30.11 -23.36
CA LYS A 134 3.02 29.26 -23.73
C LYS A 134 2.01 29.20 -22.60
N GLY A 135 0.76 29.46 -22.96
CA GLY A 135 -0.37 29.32 -22.04
C GLY A 135 -0.75 27.86 -21.85
N PRO A 136 -1.39 27.54 -20.73
CA PRO A 136 -1.70 26.15 -20.39
C PRO A 136 -2.95 25.59 -21.08
N SER A 137 -2.98 24.27 -21.25
CA SER A 137 -4.20 23.54 -21.54
C SER A 137 -4.75 23.05 -20.22
N VAL A 138 -6.03 23.28 -19.97
CA VAL A 138 -6.66 23.02 -18.71
C VAL A 138 -7.68 21.90 -18.86
N PHE A 139 -7.55 20.86 -18.04
CA PHE A 139 -8.45 19.73 -18.09
C PHE A 139 -9.05 19.47 -16.71
N PRO A 140 -10.34 19.08 -16.67
CA PRO A 140 -11.01 18.84 -15.40
C PRO A 140 -10.51 17.55 -14.75
N LEU A 141 -10.39 17.55 -13.43
CA LEU A 141 -10.14 16.34 -12.67
C LEU A 141 -11.45 16.02 -11.94
N ALA A 142 -12.24 15.16 -12.55
CA ALA A 142 -13.62 14.99 -12.12
C ALA A 142 -13.67 14.20 -10.82
N PRO A 143 -14.60 14.58 -9.93
CA PRO A 143 -14.81 13.82 -8.72
C PRO A 143 -15.44 12.49 -9.09
N SER A 144 -15.09 11.45 -8.35
CA SER A 144 -15.59 10.11 -8.61
C SER A 144 -15.49 9.28 -7.34
N SER A 145 -15.96 8.04 -7.42
CA SER A 145 -15.84 7.10 -6.32
C SER A 145 -14.39 7.02 -5.85
N LYS A 146 -13.46 7.00 -6.80
CA LYS A 146 -12.05 6.89 -6.50
C LYS A 146 -11.42 8.14 -5.89
N SER A 147 -11.96 9.32 -6.17
CA SER A 147 -11.48 10.55 -5.52
C SER A 147 -12.30 10.90 -4.26
N THR A 148 -13.14 9.97 -3.83
CA THR A 148 -14.08 10.17 -2.72
C THR A 148 -13.82 9.19 -1.58
N SER A 149 -14.06 9.64 -0.35
CA SER A 149 -14.03 8.75 0.80
C SER A 149 -15.03 9.28 1.81
N GLY A 150 -16.14 8.57 1.93
CA GLY A 150 -17.24 8.97 2.80
C GLY A 150 -17.91 10.24 2.30
N GLY A 151 -18.07 11.20 3.21
CA GLY A 151 -18.69 12.48 2.91
C GLY A 151 -17.77 13.52 2.26
N THR A 152 -16.55 13.13 1.90
CA THR A 152 -15.60 14.08 1.33
C THR A 152 -15.10 13.61 -0.04
N ALA A 153 -15.25 14.48 -1.04
CA ALA A 153 -14.82 14.18 -2.41
C ALA A 153 -13.85 15.23 -2.84
N ALA A 154 -12.81 14.82 -3.56
CA ALA A 154 -11.87 15.78 -4.18
C ALA A 154 -12.14 15.95 -5.68
N LEU A 155 -12.03 17.18 -6.17
CA LEU A 155 -12.06 17.45 -7.59
C LEU A 155 -11.06 18.57 -7.90
N GLY A 156 -10.70 18.72 -9.17
CA GLY A 156 -9.67 19.68 -9.50
C GLY A 156 -9.55 20.04 -10.96
N CYS A 157 -8.48 20.78 -11.25
CA CYS A 157 -8.10 21.19 -12.59
C CYS A 157 -6.65 20.87 -12.84
N LEU A 158 -6.40 20.15 -13.93
CA LEU A 158 -5.05 19.86 -14.40
C LEU A 158 -4.62 20.98 -15.35
N VAL A 159 -3.50 21.62 -15.03
CA VAL A 159 -3.02 22.78 -15.78
C VAL A 159 -1.75 22.36 -16.50
N LYS A 160 -1.86 22.08 -17.80
CA LYS A 160 -0.77 21.44 -18.53
C LYS A 160 0.05 22.34 -19.44
N ASP A 161 1.36 22.11 -19.43
CA ASP A 161 2.23 22.55 -20.51
C ASP A 161 2.29 24.06 -20.70
N TYR A 162 2.66 24.78 -19.65
CA TYR A 162 2.82 26.24 -19.75
C TYR A 162 4.26 26.64 -19.45
N PHE A 163 4.60 27.86 -19.86
CA PHE A 163 5.89 28.46 -19.61
C PHE A 163 5.76 29.97 -19.79
N PRO A 164 6.38 30.79 -18.93
CA PRO A 164 7.10 30.37 -17.72
C PRO A 164 6.18 30.42 -16.50
N GLU A 165 6.73 30.15 -15.31
CA GLU A 165 6.00 30.38 -14.05
C GLU A 165 5.69 31.86 -13.92
N PRO A 166 4.64 32.25 -13.19
CA PRO A 166 3.78 31.35 -12.45
C PRO A 166 2.36 31.26 -13.04
N VAL A 167 1.61 30.29 -12.56
CA VAL A 167 0.18 30.22 -12.76
C VAL A 167 -0.49 30.40 -11.41
N THR A 168 -1.58 31.15 -11.36
CA THR A 168 -2.40 31.23 -10.17
C THR A 168 -3.76 30.62 -10.45
N VAL A 169 -4.36 30.04 -9.42
CA VAL A 169 -5.64 29.34 -9.53
C VAL A 169 -6.56 29.75 -8.39
N SER A 170 -7.78 30.12 -8.72
CA SER A 170 -8.81 30.37 -7.75
C SER A 170 -9.98 29.47 -8.11
N TRP A 171 -10.94 29.37 -7.21
CA TRP A 171 -12.13 28.57 -7.44
C TRP A 171 -13.37 29.40 -7.20
N ASN A 172 -14.33 29.29 -8.11
CA ASN A 172 -15.53 30.14 -8.10
C ASN A 172 -15.21 31.62 -7.88
N SER A 173 -14.16 32.10 -8.56
CA SER A 173 -13.71 33.49 -8.51
C SER A 173 -13.20 33.93 -7.14
N GLY A 174 -12.72 32.99 -6.33
CA GLY A 174 -12.16 33.31 -5.02
C GLY A 174 -13.15 33.23 -3.87
N ALA A 175 -14.43 32.99 -4.19
CA ALA A 175 -15.47 32.75 -3.18
C ALA A 175 -15.22 31.47 -2.39
N LEU A 176 -14.70 30.45 -3.08
CA LEU A 176 -14.37 29.16 -2.46
C LEU A 176 -12.89 29.11 -2.10
N THR A 177 -12.61 29.22 -0.80
CA THR A 177 -11.23 29.24 -0.27
C THR A 177 -10.88 28.00 0.56
N SER A 178 -11.85 27.48 1.32
CA SER A 178 -11.59 26.33 2.21
C SER A 178 -11.37 25.04 1.43
N GLY A 179 -10.34 24.30 1.80
CA GLY A 179 -10.03 23.02 1.17
C GLY A 179 -9.40 23.13 -0.21
N VAL A 180 -9.00 24.34 -0.61
CA VAL A 180 -8.29 24.56 -1.87
C VAL A 180 -6.82 24.23 -1.67
N HIS A 181 -6.32 23.26 -2.43
CA HIS A 181 -4.88 22.97 -2.44
C HIS A 181 -4.36 23.06 -3.87
N THR A 182 -3.58 24.09 -4.14
CA THR A 182 -2.92 24.25 -5.43
C THR A 182 -1.50 23.73 -5.28
N PHE A 183 -1.15 22.70 -6.03
CA PHE A 183 0.13 22.02 -5.86
C PHE A 183 1.25 22.72 -6.64
N PRO A 184 2.49 22.69 -6.11
CA PRO A 184 3.67 23.17 -6.85
C PRO A 184 3.83 22.51 -8.20
N ALA A 185 4.28 23.30 -9.17
CA ALA A 185 4.39 22.81 -10.53
C ALA A 185 5.49 21.76 -10.67
N VAL A 186 5.30 20.84 -11.59
CA VAL A 186 6.38 19.98 -12.03
C VAL A 186 7.09 20.63 -13.21
N LEU A 187 8.41 20.64 -13.19
CA LEU A 187 9.20 21.14 -14.32
C LEU A 187 9.53 19.93 -15.15
N GLN A 188 8.93 19.84 -16.33
CA GLN A 188 9.11 18.68 -17.20
C GLN A 188 10.46 18.76 -17.88
N SER A 189 10.84 17.65 -18.50
CA SER A 189 12.11 17.54 -19.22
C SER A 189 12.13 18.41 -20.48
N SER A 190 10.95 18.64 -21.06
CA SER A 190 10.77 19.60 -22.18
C SER A 190 11.07 21.05 -21.79
N GLY A 191 11.03 21.34 -20.49
CA GLY A 191 11.14 22.71 -19.98
C GLY A 191 9.80 23.40 -19.74
N LEU A 192 8.69 22.75 -20.08
CA LEU A 192 7.36 23.27 -19.76
C LEU A 192 6.95 22.81 -18.37
N TYR A 193 6.06 23.57 -17.74
CA TYR A 193 5.54 23.25 -16.43
C TYR A 193 4.12 22.70 -16.53
N SER A 194 3.73 21.90 -15.55
CA SER A 194 2.33 21.54 -15.31
C SER A 194 2.06 21.56 -13.80
N LEU A 195 0.84 21.86 -13.42
CA LEU A 195 0.44 21.75 -12.02
C LEU A 195 -1.00 21.27 -11.90
N SER A 196 -1.39 20.87 -10.70
CA SER A 196 -2.79 20.59 -10.41
C SER A 196 -3.27 21.42 -9.23
N SER A 197 -4.53 21.81 -9.29
CA SER A 197 -5.20 22.46 -8.18
C SER A 197 -6.44 21.64 -7.83
N VAL A 198 -6.54 21.24 -6.57
CA VAL A 198 -7.64 20.41 -6.11
C VAL A 198 -8.37 21.10 -4.97
N VAL A 199 -9.67 20.84 -4.88
CA VAL A 199 -10.51 21.25 -3.75
C VAL A 199 -11.23 20.05 -3.18
N THR A 200 -11.30 20.00 -1.85
CA THR A 200 -12.10 18.99 -1.17
C THR A 200 -13.43 19.62 -0.77
N VAL A 201 -14.51 18.91 -1.06
CA VAL A 201 -15.87 19.42 -0.87
C VAL A 201 -16.78 18.29 -0.32
N PRO A 202 -17.99 18.66 0.12
CA PRO A 202 -18.91 17.62 0.57
C PRO A 202 -19.36 16.72 -0.58
N SER A 203 -19.31 15.40 -0.38
CA SER A 203 -19.81 14.45 -1.35
C SER A 203 -21.25 14.74 -1.74
N SER A 204 -22.09 15.07 -0.76
CA SER A 204 -23.51 15.36 -1.01
C SER A 204 -23.75 16.60 -1.89
N SER A 205 -22.78 17.50 -1.97
CA SER A 205 -22.90 18.72 -2.78
C SER A 205 -22.56 18.55 -4.27
N LEU A 206 -22.07 17.37 -4.66
CA LEU A 206 -21.63 17.15 -6.05
C LEU A 206 -22.71 17.32 -7.09
N GLY A 207 -23.93 16.86 -6.82
CA GLY A 207 -25.05 17.07 -7.73
C GLY A 207 -25.50 18.53 -7.84
N THR A 208 -25.39 19.26 -6.72
CA THR A 208 -25.97 20.59 -6.60
C THR A 208 -25.02 21.73 -6.97
N GLN A 209 -23.90 21.82 -6.24
CA GLN A 209 -23.02 22.99 -6.31
C GLN A 209 -22.10 22.98 -7.53
N THR A 210 -22.04 24.12 -8.22
CA THR A 210 -21.12 24.25 -9.36
C THR A 210 -19.73 24.68 -8.86
N TYR A 211 -18.71 24.07 -9.44
CA TYR A 211 -17.33 24.36 -9.09
C TYR A 211 -16.57 24.71 -10.36
N ILE A 212 -15.94 25.88 -10.35
CA ILE A 212 -15.22 26.41 -11.50
C ILE A 212 -13.84 26.84 -11.08
N CYS A 213 -12.82 26.29 -11.72
CA CYS A 213 -11.45 26.75 -11.48
C CYS A 213 -11.13 27.88 -12.45
N ASN A 214 -10.52 28.93 -11.92
CA ASN A 214 -10.11 30.10 -12.67
C ASN A 214 -8.60 30.06 -12.72
N VAL A 215 -8.05 29.87 -13.92
CA VAL A 215 -6.63 29.68 -14.13
C VAL A 215 -6.08 30.91 -14.81
N ASN A 216 -5.11 31.55 -14.17
CA ASN A 216 -4.53 32.79 -14.66
C ASN A 216 -3.08 32.55 -15.01
N HIS A 217 -2.68 32.89 -16.23
CA HIS A 217 -1.27 32.84 -16.61
C HIS A 217 -0.85 34.17 -17.24
N LYS A 218 -0.36 35.07 -16.41
CA LYS A 218 -0.01 36.43 -16.85
C LYS A 218 1.08 36.52 -17.95
N PRO A 219 2.09 35.65 -17.92
CA PRO A 219 3.12 35.75 -18.96
C PRO A 219 2.63 35.58 -20.40
N SER A 220 1.64 34.71 -20.62
CA SER A 220 1.04 34.51 -21.93
C SER A 220 -0.25 35.29 -22.11
N ASN A 221 -0.64 36.04 -21.07
CA ASN A 221 -1.93 36.74 -21.04
C ASN A 221 -3.09 35.82 -21.38
N THR A 222 -3.15 34.68 -20.70
CA THR A 222 -4.23 33.72 -20.85
C THR A 222 -4.97 33.59 -19.53
N LYS A 223 -6.29 33.48 -19.62
CA LYS A 223 -7.10 33.11 -18.48
C LYS A 223 -8.09 32.04 -18.93
N VAL A 224 -8.26 31.01 -18.11
CA VAL A 224 -9.22 29.94 -18.40
C VAL A 224 -10.16 29.74 -17.22
N ASP A 225 -11.45 29.66 -17.49
CA ASP A 225 -12.43 29.22 -16.49
C ASP A 225 -13.00 27.89 -16.94
N LYS A 226 -13.03 26.91 -16.04
CA LYS A 226 -13.47 25.57 -16.38
C LYS A 226 -14.35 25.00 -15.27
N LYS A 227 -15.61 24.70 -15.61
CA LYS A 227 -16.52 24.00 -14.69
C LYS A 227 -16.07 22.55 -14.53
N VAL A 228 -16.01 22.08 -13.29
CA VAL A 228 -15.62 20.70 -13.01
C VAL A 228 -16.79 19.99 -12.37
N GLU A 229 -17.22 18.89 -13.00
CA GLU A 229 -18.39 18.14 -12.56
C GLU A 229 -18.12 16.64 -12.68
N PRO A 230 -18.98 15.81 -12.07
CA PRO A 230 -18.85 14.36 -12.24
C PRO A 230 -19.07 13.93 -13.69
N LYS A 231 -18.41 12.85 -14.10
CA LYS A 231 -18.54 12.36 -15.47
C LYS A 231 -19.65 11.33 -15.63
N SER A 232 -20.50 11.53 -16.64
CA SER A 232 -21.50 10.54 -17.03
C SER A 232 -20.83 9.38 -17.76
N GLN B 1 19.35 4.41 -10.16
CA GLN B 1 20.08 3.19 -9.87
C GLN B 1 21.49 3.54 -9.40
N SER B 2 21.59 4.18 -8.24
CA SER B 2 22.89 4.57 -7.72
C SER B 2 23.72 3.34 -7.35
N VAL B 3 25.02 3.42 -7.64
CA VAL B 3 25.95 2.34 -7.34
C VAL B 3 26.04 2.13 -5.81
N LEU B 4 25.96 3.21 -5.05
CA LEU B 4 25.93 3.17 -3.58
C LEU B 4 24.51 3.39 -3.07
N THR B 5 24.17 2.68 -2.00
CA THR B 5 22.81 2.70 -1.47
C THR B 5 22.71 3.45 -0.15
N GLN B 6 21.97 4.56 -0.16
CA GLN B 6 21.57 5.24 1.06
C GLN B 6 20.05 5.19 1.24
N PRO B 7 19.56 5.23 2.50
CA PRO B 7 18.14 5.44 2.71
C PRO B 7 17.71 6.84 2.26
N PRO B 8 16.52 6.96 1.64
CA PRO B 8 16.10 8.28 1.14
C PRO B 8 15.89 9.31 2.24
N SER B 9 15.64 8.89 3.46
CA SER B 9 15.46 9.85 4.54
C SER B 9 15.66 9.26 5.94
N VAL B 10 16.03 10.13 6.87
CA VAL B 10 16.16 9.79 8.29
C VAL B 10 15.68 10.99 9.08
N SER B 11 15.30 10.76 10.33
CA SER B 11 14.91 11.86 11.19
C SER B 11 15.08 11.55 12.67
N ALA B 12 15.17 12.61 13.46
CA ALA B 12 15.25 12.51 14.90
C ALA B 12 14.93 13.88 15.45
N ALA B 13 14.72 13.97 16.76
CA ALA B 13 14.36 15.23 17.41
C ALA B 13 15.62 16.04 17.72
N PRO B 14 15.46 17.35 17.96
CA PRO B 14 16.62 18.14 18.35
C PRO B 14 17.29 17.55 19.58
N GLY B 15 18.63 17.54 19.60
CA GLY B 15 19.37 17.01 20.75
C GLY B 15 19.72 15.55 20.59
N GLN B 16 19.03 14.86 19.69
CA GLN B 16 19.22 13.41 19.53
C GLN B 16 20.30 13.14 18.50
N LYS B 17 20.62 11.88 18.28
CA LYS B 17 21.63 11.51 17.32
C LYS B 17 21.03 10.62 16.25
N VAL B 18 21.64 10.64 15.08
CA VAL B 18 21.16 9.83 13.97
C VAL B 18 22.36 9.23 13.25
N THR B 19 22.12 8.13 12.53
CA THR B 19 23.15 7.57 11.65
C THR B 19 22.61 7.50 10.23
N ILE B 20 23.50 7.60 9.25
CA ILE B 20 23.12 7.44 7.84
C ILE B 20 24.11 6.45 7.25
N SER B 21 23.58 5.35 6.74
CA SER B 21 24.39 4.28 6.20
C SER B 21 24.48 4.42 4.70
N CYS B 22 25.58 3.94 4.16
CA CYS B 22 25.85 3.94 2.75
C CYS B 22 26.48 2.60 2.44
N SER B 23 25.89 1.88 1.48
CA SER B 23 26.23 0.49 1.21
C SER B 23 26.67 0.30 -0.23
N GLY B 24 27.73 -0.49 -0.44
CA GLY B 24 28.26 -0.73 -1.78
C GLY B 24 28.86 -2.12 -1.96
N SER B 25 29.93 -2.21 -2.73
CA SER B 25 30.61 -3.47 -2.99
C SER B 25 32.12 -3.32 -2.84
N SER B 26 32.84 -4.42 -3.07
CA SER B 26 34.29 -4.44 -2.98
C SER B 26 34.98 -3.50 -3.99
N SER B 27 34.31 -3.20 -5.09
CA SER B 27 34.91 -2.36 -6.11
C SER B 27 34.88 -0.88 -5.73
N ASN B 28 34.02 -0.51 -4.78
CA ASN B 28 33.94 0.88 -4.36
C ASN B 28 34.27 1.11 -2.87
N ILE B 29 33.26 1.07 -2.01
CA ILE B 29 33.44 1.26 -0.58
C ILE B 29 34.41 0.24 0.04
N GLY B 30 34.32 -1.00 -0.42
CA GLY B 30 35.16 -2.06 0.13
C GLY B 30 36.66 -1.75 0.09
N ASN B 31 37.11 -1.07 -0.98
CA ASN B 31 38.54 -0.88 -1.20
C ASN B 31 38.95 0.56 -1.52
N ASN B 32 38.05 1.51 -1.33
CA ASN B 32 38.34 2.91 -1.61
C ASN B 32 37.87 3.79 -0.44
N TYR B 33 38.45 4.98 -0.36
CA TYR B 33 38.13 5.89 0.71
C TYR B 33 36.77 6.55 0.50
N VAL B 34 36.00 6.67 1.58
CA VAL B 34 34.70 7.25 1.50
C VAL B 34 34.74 8.69 1.98
N SER B 35 34.00 9.56 1.30
CA SER B 35 33.76 10.90 1.80
C SER B 35 32.26 11.15 1.92
N TRP B 36 31.93 12.07 2.83
CA TRP B 36 30.55 12.47 3.06
C TRP B 36 30.41 13.95 2.81
N TYR B 37 29.26 14.33 2.26
CA TYR B 37 28.94 15.69 1.90
C TYR B 37 27.60 16.11 2.49
N GLN B 38 27.52 17.38 2.91
CA GLN B 38 26.30 17.96 3.38
C GLN B 38 25.85 18.98 2.36
N GLN B 39 24.57 18.95 2.02
CA GLN B 39 24.02 19.93 1.10
C GLN B 39 22.78 20.57 1.67
N LEU B 40 22.97 21.77 2.21
CA LEU B 40 21.88 22.58 2.70
C LEU B 40 21.02 23.03 1.51
N PRO B 41 19.75 23.40 1.78
CA PRO B 41 18.86 23.72 0.65
C PRO B 41 19.37 24.85 -0.22
N GLY B 42 19.43 24.61 -1.52
CA GLY B 42 19.89 25.62 -2.47
C GLY B 42 21.41 25.86 -2.60
N THR B 43 22.22 25.20 -1.78
CA THR B 43 23.67 25.45 -1.76
C THR B 43 24.39 24.31 -2.43
N ALA B 44 25.68 24.54 -2.67
CA ALA B 44 26.58 23.49 -3.10
C ALA B 44 26.89 22.55 -1.94
N PRO B 45 27.25 21.31 -2.25
CA PRO B 45 27.66 20.42 -1.19
C PRO B 45 28.90 20.91 -0.47
N LYS B 46 29.02 20.56 0.81
CA LYS B 46 30.18 20.86 1.62
C LYS B 46 30.74 19.53 2.11
N LEU B 47 32.07 19.41 2.09
CA LEU B 47 32.74 18.19 2.57
C LEU B 47 32.62 18.08 4.10
N LEU B 48 32.08 16.96 4.59
CA LEU B 48 31.97 16.70 6.03
C LEU B 48 33.05 15.77 6.56
N ILE B 49 33.31 14.70 5.80
CA ILE B 49 34.22 13.65 6.18
C ILE B 49 34.97 13.24 4.93
N TYR B 50 36.29 13.01 5.07
CA TYR B 50 37.09 12.39 4.01
C TYR B 50 37.94 11.29 4.63
N ASP B 51 38.53 10.44 3.77
CA ASP B 51 39.33 9.30 4.24
C ASP B 51 38.59 8.49 5.31
N ASN B 52 37.33 8.19 5.03
CA ASN B 52 36.47 7.39 5.91
C ASN B 52 36.01 8.09 7.18
N ASN B 53 36.94 8.66 7.93
CA ASN B 53 36.62 9.27 9.22
C ASN B 53 37.28 10.57 9.65
N LYS B 54 37.88 11.33 8.73
CA LYS B 54 38.53 12.59 9.09
C LYS B 54 37.61 13.77 8.81
N ARG B 55 37.71 14.78 9.65
CA ARG B 55 36.99 16.02 9.49
C ARG B 55 37.90 17.13 8.96
N PRO B 56 37.45 17.89 7.96
CA PRO B 56 38.13 19.13 7.59
C PRO B 56 37.93 20.17 8.66
N SER B 57 38.77 21.20 8.66
CA SER B 57 38.67 22.26 9.65
C SER B 57 37.35 22.97 9.48
N GLY B 58 36.68 23.25 10.61
CA GLY B 58 35.40 23.94 10.59
C GLY B 58 34.23 22.97 10.64
N ILE B 59 34.51 21.67 10.68
CA ILE B 59 33.46 20.66 10.79
C ILE B 59 33.51 20.18 12.23
N PRO B 60 32.45 20.40 12.99
CA PRO B 60 32.51 20.03 14.41
C PRO B 60 32.48 18.52 14.64
N ASP B 61 32.97 18.12 15.79
CA ASP B 61 33.12 16.70 16.16
C ASP B 61 31.78 15.99 16.40
N ARG B 62 30.67 16.71 16.30
CA ARG B 62 29.33 16.10 16.24
C ARG B 62 29.17 15.15 15.05
N PHE B 63 29.91 15.42 13.97
CA PHE B 63 29.93 14.60 12.77
C PHE B 63 31.07 13.59 12.84
N SER B 64 30.77 12.35 12.49
CA SER B 64 31.77 11.31 12.53
C SER B 64 31.49 10.32 11.42
N GLY B 65 32.53 9.60 11.02
CA GLY B 65 32.40 8.57 10.01
C GLY B 65 33.02 7.29 10.47
N SER B 66 32.47 6.17 10.03
CA SER B 66 33.05 4.87 10.27
C SER B 66 32.81 3.97 9.07
N LYS B 67 33.47 2.83 9.10
CA LYS B 67 33.51 1.92 7.98
C LYS B 67 33.54 0.50 8.49
N SER B 68 32.77 -0.36 7.85
CA SER B 68 32.85 -1.78 8.12
C SER B 68 32.58 -2.53 6.83
N GLY B 69 33.64 -3.09 6.25
CA GLY B 69 33.52 -3.87 5.02
C GLY B 69 33.07 -2.99 3.88
N THR B 70 31.91 -3.32 3.30
CA THR B 70 31.40 -2.63 2.13
C THR B 70 30.34 -1.57 2.49
N SER B 71 30.23 -1.25 3.77
CA SER B 71 29.34 -0.20 4.25
C SER B 71 30.09 0.88 5.01
N THR B 72 29.59 2.10 4.95
CA THR B 72 30.05 3.20 5.80
C THR B 72 28.89 3.89 6.45
N THR B 73 29.17 4.59 7.54
CA THR B 73 28.17 5.27 8.32
C THR B 73 28.63 6.67 8.68
N LEU B 74 27.76 7.64 8.47
CA LEU B 74 27.91 8.99 9.03
C LEU B 74 27.07 9.07 10.29
N GLY B 75 27.67 9.52 11.38
CA GLY B 75 26.96 9.76 12.63
C GLY B 75 26.86 11.25 12.92
N ILE B 76 25.68 11.70 13.33
CA ILE B 76 25.49 13.07 13.77
C ILE B 76 24.82 13.08 15.15
N THR B 77 25.52 13.65 16.14
CA THR B 77 25.01 13.81 17.50
C THR B 77 24.59 15.26 17.73
N GLY B 78 23.84 15.50 18.81
CA GLY B 78 23.43 16.87 19.18
C GLY B 78 22.72 17.62 18.06
N LEU B 79 21.75 16.96 17.44
CA LEU B 79 21.06 17.50 16.28
C LEU B 79 20.47 18.89 16.51
N GLN B 80 20.84 19.80 15.61
CA GLN B 80 20.26 21.14 15.56
C GLN B 80 19.45 21.25 14.28
N THR B 81 18.51 22.19 14.27
CA THR B 81 17.66 22.40 13.10
C THR B 81 18.49 22.83 11.87
N GLY B 82 19.64 23.47 12.12
CA GLY B 82 20.60 23.80 11.08
C GLY B 82 21.29 22.61 10.39
N ASP B 83 21.17 21.41 10.95
CA ASP B 83 21.69 20.20 10.33
C ASP B 83 20.75 19.63 9.26
N GLU B 84 19.56 20.21 9.10
CA GLU B 84 18.63 19.76 8.07
C GLU B 84 19.21 20.00 6.68
N ALA B 85 19.38 18.92 5.95
CA ALA B 85 20.14 18.95 4.72
C ALA B 85 20.00 17.60 4.04
N ASP B 86 20.43 17.54 2.80
CA ASP B 86 20.61 16.28 2.11
C ASP B 86 22.06 15.86 2.27
N TYR B 87 22.28 14.57 2.56
CA TYR B 87 23.60 14.04 2.85
C TYR B 87 23.95 12.92 1.84
N TYR B 88 25.16 13.02 1.28
CA TYR B 88 25.63 12.12 0.22
C TYR B 88 26.94 11.49 0.61
N CYS B 89 27.06 10.18 0.39
CA CYS B 89 28.37 9.52 0.46
C CYS B 89 28.94 9.47 -0.95
N GLY B 90 30.27 9.41 -1.05
CA GLY B 90 30.95 9.27 -2.33
C GLY B 90 32.26 8.53 -2.22
N THR B 91 32.63 7.84 -3.29
CA THR B 91 33.90 7.16 -3.37
C THR B 91 34.27 6.91 -4.82
N TRP B 92 35.48 6.41 -5.04
CA TRP B 92 35.90 5.96 -6.34
C TRP B 92 35.46 4.52 -6.52
N ASP B 93 35.10 4.15 -7.74
CA ASP B 93 34.79 2.77 -8.08
C ASP B 93 35.84 2.25 -9.06
N SER B 94 36.52 1.17 -8.67
CA SER B 94 37.67 0.66 -9.41
C SER B 94 37.26 -0.06 -10.69
N ARG B 95 36.07 -0.68 -10.68
CA ARG B 95 35.53 -1.37 -11.84
C ARG B 95 35.08 -0.38 -12.92
N LEU B 96 34.34 0.65 -12.52
CA LEU B 96 33.91 1.71 -13.44
C LEU B 96 35.01 2.70 -13.81
N SER B 97 36.02 2.83 -12.93
CA SER B 97 36.97 3.94 -13.00
C SER B 97 36.19 5.26 -13.05
N ALA B 98 35.35 5.46 -12.04
CA ALA B 98 34.51 6.66 -11.94
C ALA B 98 34.21 6.99 -10.48
N VAL B 99 33.99 8.27 -10.20
CA VAL B 99 33.43 8.66 -8.92
C VAL B 99 31.96 8.28 -8.89
N VAL B 100 31.55 7.67 -7.79
CA VAL B 100 30.18 7.25 -7.61
C VAL B 100 29.63 7.80 -6.31
N PHE B 101 28.43 8.33 -6.40
CA PHE B 101 27.70 8.89 -5.25
C PHE B 101 26.51 8.02 -4.86
N GLY B 102 26.19 8.02 -3.57
CA GLY B 102 24.91 7.53 -3.14
C GLY B 102 23.80 8.45 -3.62
N GLY B 103 22.56 8.01 -3.47
CA GLY B 103 21.40 8.74 -3.99
C GLY B 103 20.97 9.90 -3.11
N GLY B 104 21.53 10.00 -1.91
CA GLY B 104 21.21 11.12 -1.02
C GLY B 104 20.22 10.70 0.06
N THR B 105 20.40 11.26 1.25
CA THR B 105 19.52 11.05 2.35
C THR B 105 19.08 12.39 2.88
N LYS B 106 17.77 12.63 2.93
CA LYS B 106 17.24 13.84 3.55
C LYS B 106 17.17 13.65 5.05
N LEU B 107 17.76 14.58 5.77
CA LEU B 107 17.76 14.56 7.21
C LEU B 107 16.77 15.57 7.72
N THR B 108 15.74 15.09 8.39
CA THR B 108 14.77 15.96 9.02
C THR B 108 15.01 16.00 10.52
N VAL B 109 15.03 17.20 11.08
CA VAL B 109 15.12 17.39 12.51
C VAL B 109 13.69 17.68 12.91
N LEU B 110 13.08 16.73 13.59
CA LEU B 110 11.62 16.72 13.81
C LEU B 110 11.16 17.96 14.56
N GLY B 111 10.31 18.75 13.91
CA GLY B 111 9.69 19.93 14.52
C GLY B 111 8.18 19.79 14.73
N GLN B 112 7.64 18.61 14.49
CA GLN B 112 6.21 18.32 14.64
C GLN B 112 6.01 16.80 14.55
N PRO B 113 4.82 16.32 14.93
CA PRO B 113 4.63 14.87 14.85
C PRO B 113 4.62 14.36 13.42
N LYS B 114 5.07 13.12 13.25
CA LYS B 114 5.08 12.50 11.94
C LYS B 114 3.64 12.42 11.46
N ALA B 115 3.44 12.63 10.16
CA ALA B 115 2.10 12.57 9.57
C ALA B 115 2.08 11.77 8.27
N ASN B 116 1.03 10.98 8.15
CA ASN B 116 0.81 10.16 6.97
C ASN B 116 0.21 10.97 5.82
N PRO B 117 0.68 10.52 4.57
CA PRO B 117 0.16 11.25 3.42
C PRO B 117 -1.22 10.79 3.05
N THR B 118 -2.05 11.71 2.57
CA THR B 118 -3.27 11.38 1.86
C THR B 118 -2.95 11.32 0.36
N VAL B 119 -3.32 10.23 -0.29
CA VAL B 119 -3.06 10.03 -1.71
C VAL B 119 -4.35 9.97 -2.52
N THR B 120 -4.42 10.75 -3.58
CA THR B 120 -5.55 10.71 -4.53
C THR B 120 -5.01 10.54 -5.96
N LEU B 121 -5.62 9.61 -6.71
CA LEU B 121 -5.16 9.28 -8.06
C LEU B 121 -6.26 9.47 -9.08
N PHE B 122 -6.07 10.42 -9.99
CA PHE B 122 -7.03 10.74 -11.01
C PHE B 122 -6.59 10.13 -12.36
N PRO B 123 -7.55 9.53 -13.09
CA PRO B 123 -7.29 9.04 -14.43
C PRO B 123 -7.33 10.18 -15.45
N PRO B 124 -6.93 9.91 -16.71
CA PRO B 124 -7.13 10.91 -17.77
C PRO B 124 -8.59 11.29 -17.97
N SER B 125 -8.88 12.56 -18.21
CA SER B 125 -10.23 12.99 -18.55
C SER B 125 -10.52 12.64 -20.00
N SER B 126 -11.78 12.38 -20.32
CA SER B 126 -12.15 12.08 -21.70
C SER B 126 -11.77 13.24 -22.63
N GLU B 127 -11.89 14.48 -22.15
CA GLU B 127 -11.44 15.65 -22.91
C GLU B 127 -9.96 15.58 -23.32
N GLU B 128 -9.11 15.14 -22.40
CA GLU B 128 -7.67 15.00 -22.66
C GLU B 128 -7.40 13.88 -23.67
N LEU B 129 -8.11 12.78 -23.51
CA LEU B 129 -8.07 11.72 -24.51
C LEU B 129 -8.46 12.23 -25.89
N GLN B 130 -9.41 13.17 -25.97
CA GLN B 130 -9.75 13.80 -27.25
C GLN B 130 -8.60 14.67 -27.84
N ALA B 131 -7.70 15.15 -26.98
CA ALA B 131 -6.49 15.87 -27.43
C ALA B 131 -5.35 14.91 -27.77
N ASN B 132 -5.63 13.62 -27.80
CA ASN B 132 -4.65 12.57 -28.06
C ASN B 132 -3.54 12.49 -27.00
N LYS B 133 -3.91 12.71 -25.75
CA LYS B 133 -2.98 12.61 -24.65
C LYS B 133 -3.67 11.98 -23.46
N ALA B 134 -2.89 11.59 -22.46
CA ALA B 134 -3.39 10.89 -21.29
C ALA B 134 -2.42 11.09 -20.11
N THR B 135 -2.88 11.79 -19.08
CA THR B 135 -2.09 12.02 -17.88
C THR B 135 -2.84 11.43 -16.69
N LEU B 136 -2.13 10.58 -15.94
CA LEU B 136 -2.57 10.11 -14.63
C LEU B 136 -1.92 11.01 -13.60
N VAL B 137 -2.71 11.50 -12.65
CA VAL B 137 -2.24 12.50 -11.69
C VAL B 137 -2.34 11.92 -10.29
N CYS B 138 -1.19 11.74 -9.64
CA CYS B 138 -1.16 11.22 -8.27
C CYS B 138 -0.83 12.38 -7.34
N LEU B 139 -1.77 12.74 -6.46
CA LEU B 139 -1.58 13.85 -5.52
C LEU B 139 -1.34 13.34 -4.10
N ILE B 140 -0.35 13.92 -3.43
CA ILE B 140 0.15 13.45 -2.14
C ILE B 140 0.23 14.62 -1.18
N SER B 141 -0.50 14.58 -0.06
CA SER B 141 -0.53 15.76 0.81
C SER B 141 -0.51 15.43 2.30
N ASP B 142 -0.27 16.46 3.10
CA ASP B 142 -0.35 16.38 4.56
C ASP B 142 0.62 15.39 5.16
N PHE B 143 1.85 15.33 4.64
CA PHE B 143 2.82 14.42 5.20
C PHE B 143 4.00 15.12 5.85
N TYR B 144 4.65 14.40 6.75
CA TYR B 144 5.81 14.90 7.47
C TYR B 144 6.48 13.68 8.10
N PRO B 145 7.80 13.49 7.96
CA PRO B 145 8.71 14.39 7.26
C PRO B 145 8.46 14.50 5.75
N GLY B 146 9.09 15.50 5.16
CA GLY B 146 8.90 15.81 3.74
C GLY B 146 9.71 14.95 2.79
N ALA B 147 9.46 13.65 2.82
CA ALA B 147 10.09 12.68 1.92
C ALA B 147 9.12 11.56 1.59
N VAL B 148 8.92 11.30 0.30
CA VAL B 148 8.16 10.15 -0.15
C VAL B 148 8.86 9.49 -1.33
N THR B 149 8.57 8.22 -1.51
CA THR B 149 8.99 7.48 -2.70
C THR B 149 7.72 7.10 -3.47
N VAL B 150 7.70 7.43 -4.76
CA VAL B 150 6.55 7.15 -5.61
C VAL B 150 6.92 6.13 -6.68
N ALA B 151 6.12 5.08 -6.82
CA ALA B 151 6.30 4.07 -7.85
C ALA B 151 4.98 3.83 -8.59
N TRP B 152 5.05 3.73 -9.91
CA TRP B 152 3.88 3.52 -10.75
C TRP B 152 3.90 2.12 -11.33
N LYS B 153 2.73 1.54 -11.50
CA LYS B 153 2.64 0.23 -12.09
C LYS B 153 1.52 0.12 -13.12
N ALA B 154 1.76 -0.72 -14.12
CA ALA B 154 0.77 -1.04 -15.13
C ALA B 154 0.51 -2.55 -15.06
N ASP B 155 -0.71 -2.92 -14.69
CA ASP B 155 -1.07 -4.33 -14.43
C ASP B 155 -0.06 -5.01 -13.50
N GLY B 156 0.36 -4.30 -12.45
CA GLY B 156 1.34 -4.83 -11.52
C GLY B 156 2.81 -4.71 -11.90
N SER B 157 3.13 -4.47 -13.17
CA SER B 157 4.55 -4.32 -13.56
C SER B 157 5.07 -2.91 -13.35
N PRO B 158 6.34 -2.77 -12.95
CA PRO B 158 6.87 -1.43 -12.78
C PRO B 158 6.90 -0.68 -14.11
N VAL B 159 6.54 0.60 -14.07
CA VAL B 159 6.70 1.48 -15.22
C VAL B 159 7.51 2.69 -14.76
N LYS B 160 8.58 3.00 -15.50
CA LYS B 160 9.43 4.15 -15.16
C LYS B 160 9.35 5.23 -16.24
N ALA B 161 9.14 4.83 -17.49
CA ALA B 161 8.98 5.77 -18.60
C ALA B 161 7.77 6.69 -18.40
N GLY B 162 8.01 7.99 -18.58
CA GLY B 162 6.95 8.99 -18.57
C GLY B 162 6.48 9.43 -17.20
N VAL B 163 7.31 9.19 -16.18
CA VAL B 163 7.01 9.61 -14.82
C VAL B 163 7.75 10.88 -14.51
N GLU B 164 7.02 11.86 -13.98
CA GLU B 164 7.59 13.11 -13.48
C GLU B 164 7.04 13.38 -12.09
N THR B 165 7.92 13.56 -11.11
CA THR B 165 7.52 13.71 -9.71
C THR B 165 8.18 14.95 -9.12
N THR B 166 7.42 15.75 -8.37
CA THR B 166 7.97 16.95 -7.77
C THR B 166 8.70 16.66 -6.46
N LYS B 167 9.51 17.63 -6.07
CA LYS B 167 10.12 17.70 -4.76
C LYS B 167 9.05 18.15 -3.79
N PRO B 168 8.92 17.46 -2.64
CA PRO B 168 7.92 17.89 -1.67
C PRO B 168 8.17 19.30 -1.16
N SER B 169 7.11 20.05 -0.92
CA SER B 169 7.27 21.38 -0.35
C SER B 169 6.12 21.68 0.61
N LYS B 170 6.35 22.69 1.44
CA LYS B 170 5.50 22.99 2.57
C LYS B 170 4.19 23.60 2.13
N GLN B 171 3.12 23.16 2.78
CA GLN B 171 1.81 23.78 2.62
C GLN B 171 1.70 24.86 3.70
N SER B 172 0.61 25.61 3.68
CA SER B 172 0.36 26.64 4.68
C SER B 172 0.19 26.09 6.09
N ASN B 173 -0.25 24.83 6.21
CA ASN B 173 -0.34 24.16 7.51
C ASN B 173 0.95 23.47 7.95
N ASN B 174 2.05 23.74 7.25
CA ASN B 174 3.39 23.25 7.63
C ASN B 174 3.65 21.75 7.46
N LYS B 175 2.76 21.05 6.78
CA LYS B 175 3.04 19.72 6.30
C LYS B 175 3.46 19.83 4.84
N TYR B 176 3.87 18.71 4.26
CA TYR B 176 4.35 18.70 2.89
C TYR B 176 3.33 18.15 1.92
N ALA B 177 3.50 18.55 0.68
CA ALA B 177 2.74 18.07 -0.47
C ALA B 177 3.68 17.78 -1.63
N ALA B 178 3.29 16.80 -2.45
CA ALA B 178 3.98 16.51 -3.70
C ALA B 178 3.00 15.94 -4.70
N SER B 179 3.42 15.91 -5.95
CA SER B 179 2.62 15.27 -6.99
C SER B 179 3.49 14.52 -7.98
N SER B 180 2.91 13.47 -8.55
CA SER B 180 3.56 12.67 -9.56
C SER B 180 2.60 12.49 -10.73
N TYR B 181 3.14 12.54 -11.94
CA TYR B 181 2.36 12.46 -13.16
C TYR B 181 2.91 11.35 -14.02
N LEU B 182 2.03 10.52 -14.57
CA LEU B 182 2.42 9.53 -15.55
C LEU B 182 1.83 9.89 -16.91
N SER B 183 2.70 10.15 -17.89
CA SER B 183 2.30 10.44 -19.27
C SER B 183 2.25 9.19 -20.16
N LEU B 184 1.06 8.90 -20.68
CA LEU B 184 0.81 7.80 -21.60
C LEU B 184 0.17 8.33 -22.90
N THR B 185 0.26 7.55 -23.97
CA THR B 185 -0.62 7.73 -25.13
C THR B 185 -1.99 7.14 -24.80
N PRO B 186 -3.04 7.61 -25.48
CA PRO B 186 -4.37 7.03 -25.30
C PRO B 186 -4.40 5.53 -25.53
N GLU B 187 -3.55 5.05 -26.45
CA GLU B 187 -3.52 3.62 -26.80
C GLU B 187 -2.97 2.82 -25.62
N GLN B 188 -1.83 3.22 -25.08
CA GLN B 188 -1.28 2.46 -23.96
C GLN B 188 -2.14 2.56 -22.70
N TRP B 189 -2.85 3.68 -22.52
CA TRP B 189 -3.84 3.79 -21.43
C TRP B 189 -4.96 2.76 -21.57
N LYS B 190 -5.55 2.67 -22.75
CA LYS B 190 -6.70 1.75 -22.97
C LYS B 190 -6.33 0.26 -23.03
N SER B 191 -5.06 -0.05 -23.27
CA SER B 191 -4.63 -1.42 -23.51
C SER B 191 -4.33 -2.22 -22.22
N HIS B 192 -4.05 -1.53 -21.12
CA HIS B 192 -3.90 -2.21 -19.82
C HIS B 192 -5.21 -2.17 -19.04
N ARG B 193 -5.34 -3.05 -18.06
CA ARG B 193 -6.56 -3.08 -17.27
C ARG B 193 -6.44 -2.24 -16.03
N SER B 194 -5.22 -1.95 -15.61
CA SER B 194 -5.02 -1.24 -14.36
C SER B 194 -3.70 -0.47 -14.32
N TYR B 195 -3.76 0.74 -13.77
CA TYR B 195 -2.58 1.52 -13.44
C TYR B 195 -2.62 1.89 -11.96
N SER B 196 -1.45 1.89 -11.31
CA SER B 196 -1.34 2.18 -9.88
C SER B 196 -0.27 3.22 -9.53
N CYS B 197 -0.60 4.07 -8.55
CA CYS B 197 0.35 4.95 -7.90
C CYS B 197 0.58 4.40 -6.50
N GLN B 198 1.83 4.08 -6.19
CA GLN B 198 2.23 3.55 -4.88
C GLN B 198 3.14 4.57 -4.19
N VAL B 199 2.68 5.10 -3.06
CA VAL B 199 3.42 6.09 -2.29
C VAL B 199 3.96 5.51 -0.99
N THR B 200 5.27 5.56 -0.81
CA THR B 200 5.90 5.06 0.42
C THR B 200 6.33 6.26 1.26
N HIS B 201 5.98 6.23 2.54
CA HIS B 201 6.35 7.27 3.47
C HIS B 201 6.67 6.64 4.82
N GLU B 202 7.88 6.88 5.30
CA GLU B 202 8.32 6.37 6.58
C GLU B 202 7.88 4.93 6.86
N GLY B 203 8.15 4.03 5.92
CA GLY B 203 7.79 2.64 6.13
C GLY B 203 6.40 2.23 5.71
N SER B 204 5.46 3.16 5.70
CA SER B 204 4.08 2.88 5.31
C SER B 204 3.88 3.12 3.82
N THR B 205 3.00 2.33 3.21
CA THR B 205 2.74 2.44 1.78
C THR B 205 1.25 2.55 1.53
N VAL B 206 0.87 3.52 0.69
CA VAL B 206 -0.49 3.60 0.18
C VAL B 206 -0.46 3.44 -1.35
N GLU B 207 -1.31 2.55 -1.86
CA GLU B 207 -1.40 2.32 -3.29
C GLU B 207 -2.82 2.58 -3.76
N LYS B 208 -2.94 3.45 -4.77
CA LYS B 208 -4.20 3.72 -5.43
C LYS B 208 -4.19 3.26 -6.88
N THR B 209 -5.37 2.91 -7.37
CA THR B 209 -5.52 2.26 -8.65
C THR B 209 -6.61 2.96 -9.47
N VAL B 210 -6.42 3.02 -10.79
CA VAL B 210 -7.47 3.43 -11.74
C VAL B 210 -7.47 2.52 -12.93
N ALA B 211 -8.57 2.54 -13.66
CA ALA B 211 -8.75 1.70 -14.83
C ALA B 211 -9.56 2.43 -15.90
N PRO B 212 -9.22 2.23 -17.19
CA PRO B 212 -9.97 2.87 -18.29
C PRO B 212 -11.47 2.55 -18.26
N THR B 213 -11.81 1.37 -17.74
CA THR B 213 -13.20 0.90 -17.67
C THR B 213 -14.10 1.63 -16.62
N GLU B 214 -13.66 2.77 -16.09
CA GLU B 214 -14.37 3.46 -15.00
C GLU B 214 -14.81 4.89 -15.34
N GLN C 1 -43.81 -26.05 0.62
CA GLN C 1 -43.93 -27.31 1.41
C GLN C 1 -42.69 -28.23 1.29
N VAL C 2 -41.94 -28.11 0.19
CA VAL C 2 -40.62 -28.77 0.08
C VAL C 2 -39.65 -28.15 1.10
N GLN C 3 -39.11 -28.95 2.01
CA GLN C 3 -38.17 -28.44 3.00
C GLN C 3 -37.25 -29.47 3.65
N LEU C 4 -36.14 -28.97 4.16
CA LEU C 4 -35.16 -29.74 4.89
C LEU C 4 -34.92 -29.03 6.21
N VAL C 5 -34.97 -29.80 7.30
CA VAL C 5 -34.77 -29.26 8.63
C VAL C 5 -33.71 -30.10 9.31
N GLU C 6 -32.56 -29.52 9.59
CA GLU C 6 -31.54 -30.28 10.29
C GLU C 6 -31.56 -30.00 11.79
N SER C 7 -31.01 -30.96 12.56
CA SER C 7 -30.92 -30.85 14.01
C SER C 7 -29.73 -31.65 14.50
N GLY C 8 -29.44 -31.52 15.80
CA GLY C 8 -28.39 -32.30 16.44
C GLY C 8 -27.13 -31.49 16.73
N GLY C 9 -27.13 -30.22 16.34
CA GLY C 9 -25.97 -29.35 16.53
C GLY C 9 -25.76 -28.98 17.99
N GLY C 10 -24.53 -28.63 18.34
CA GLY C 10 -24.22 -28.18 19.71
C GLY C 10 -22.74 -28.04 19.93
N VAL C 11 -22.36 -27.87 21.19
CA VAL C 11 -20.97 -27.70 21.58
C VAL C 11 -20.40 -29.03 22.06
N VAL C 12 -19.25 -29.44 21.53
CA VAL C 12 -18.62 -30.67 21.96
C VAL C 12 -17.11 -30.50 22.02
N GLN C 13 -16.48 -31.31 22.87
CA GLN C 13 -15.04 -31.22 23.06
C GLN C 13 -14.31 -31.94 21.93
N PRO C 14 -13.13 -31.44 21.55
CA PRO C 14 -12.32 -32.16 20.57
C PRO C 14 -12.17 -33.62 20.94
N GLY C 15 -12.28 -34.50 19.96
CA GLY C 15 -12.18 -35.93 20.19
C GLY C 15 -13.53 -36.60 20.36
N ARG C 16 -14.56 -35.84 20.74
CA ARG C 16 -15.89 -36.41 20.97
C ARG C 16 -16.62 -36.62 19.64
N SER C 17 -17.86 -37.07 19.72
CA SER C 17 -18.62 -37.36 18.51
C SER C 17 -20.02 -36.76 18.59
N LEU C 18 -20.70 -36.75 17.45
CA LEU C 18 -22.00 -36.10 17.31
C LEU C 18 -22.70 -36.64 16.08
N ARG C 19 -24.02 -36.73 16.13
CA ARG C 19 -24.80 -37.24 15.02
C ARG C 19 -25.80 -36.17 14.59
N LEU C 20 -25.71 -35.72 13.35
CA LEU C 20 -26.65 -34.73 12.84
C LEU C 20 -27.77 -35.47 12.12
N SER C 21 -28.94 -34.83 12.10
CA SER C 21 -30.14 -35.34 11.44
C SER C 21 -30.69 -34.30 10.50
N CYS C 22 -31.37 -34.75 9.46
CA CYS C 22 -32.06 -33.84 8.56
C CYS C 22 -33.34 -34.50 8.11
N ALA C 23 -34.47 -33.95 8.54
CA ALA C 23 -35.79 -34.45 8.17
C ALA C 23 -36.28 -33.78 6.89
N ALA C 24 -36.68 -34.60 5.92
CA ALA C 24 -37.19 -34.11 4.64
C ALA C 24 -38.71 -34.26 4.57
N SER C 25 -39.35 -33.33 3.87
CA SER C 25 -40.79 -33.43 3.58
C SER C 25 -41.13 -32.66 2.33
N GLY C 26 -42.27 -32.98 1.74
CA GLY C 26 -42.74 -32.28 0.55
C GLY C 26 -42.16 -32.76 -0.77
N PHE C 27 -41.29 -33.77 -0.72
CA PHE C 27 -40.86 -34.48 -1.92
C PHE C 27 -40.67 -35.96 -1.56
N THR C 28 -40.35 -36.78 -2.56
CA THR C 28 -40.13 -38.19 -2.34
C THR C 28 -38.66 -38.40 -1.98
N PHE C 29 -38.37 -38.37 -0.69
CA PHE C 29 -37.01 -38.44 -0.17
C PHE C 29 -36.18 -39.56 -0.79
N SER C 30 -36.79 -40.74 -0.92
CA SER C 30 -36.07 -41.91 -1.41
C SER C 30 -35.70 -41.85 -2.90
N SER C 31 -36.14 -40.81 -3.60
CA SER C 31 -35.80 -40.65 -5.02
C SER C 31 -34.52 -39.83 -5.30
N PHE C 32 -34.00 -39.14 -4.27
CA PHE C 32 -32.96 -38.12 -4.49
C PHE C 32 -31.65 -38.44 -3.80
N GLY C 33 -30.56 -38.12 -4.47
CA GLY C 33 -29.26 -38.00 -3.82
C GLY C 33 -29.33 -36.84 -2.84
N MET C 34 -28.57 -36.97 -1.76
CA MET C 34 -28.57 -36.01 -0.65
C MET C 34 -27.14 -35.69 -0.22
N HIS C 35 -26.89 -34.45 0.15
CA HIS C 35 -25.56 -33.99 0.57
C HIS C 35 -25.54 -33.32 1.94
N TRP C 36 -24.36 -33.26 2.54
CA TRP C 36 -24.07 -32.32 3.62
C TRP C 36 -23.02 -31.34 3.11
N VAL C 37 -23.24 -30.07 3.46
CA VAL C 37 -22.32 -28.99 3.12
C VAL C 37 -22.16 -28.16 4.40
N ARG C 38 -20.94 -27.70 4.67
CA ARG C 38 -20.69 -26.92 5.89
C ARG C 38 -20.05 -25.56 5.58
N GLN C 39 -20.21 -24.62 6.51
CA GLN C 39 -19.68 -23.27 6.37
C GLN C 39 -19.20 -22.72 7.70
N ALA C 40 -17.88 -22.61 7.85
CA ALA C 40 -17.33 -21.99 9.06
C ALA C 40 -17.63 -20.48 9.05
N PRO C 41 -17.79 -19.89 10.25
CA PRO C 41 -18.05 -18.45 10.35
C PRO C 41 -17.14 -17.59 9.44
N GLY C 42 -17.77 -16.77 8.59
CA GLY C 42 -17.05 -15.90 7.67
C GLY C 42 -16.36 -16.55 6.49
N LYS C 43 -16.48 -17.88 6.34
CA LYS C 43 -15.81 -18.62 5.27
C LYS C 43 -16.80 -19.11 4.22
N GLY C 44 -16.26 -19.75 3.18
CA GLY C 44 -17.06 -20.25 2.09
C GLY C 44 -17.68 -21.60 2.36
N LEU C 45 -18.55 -22.02 1.45
CA LEU C 45 -19.19 -23.32 1.54
C LEU C 45 -18.16 -24.40 1.28
N GLU C 46 -18.15 -25.44 2.12
CA GLU C 46 -17.31 -26.61 1.90
C GLU C 46 -18.16 -27.86 1.86
N TRP C 47 -18.18 -28.52 0.71
CA TRP C 47 -18.86 -29.78 0.56
C TRP C 47 -18.22 -30.84 1.43
N VAL C 48 -19.06 -31.62 2.10
CA VAL C 48 -18.59 -32.65 3.01
C VAL C 48 -18.80 -34.02 2.40
N ALA C 49 -20.03 -34.34 1.99
CA ALA C 49 -20.35 -35.68 1.47
C ALA C 49 -21.67 -35.76 0.71
N VAL C 50 -21.82 -36.85 -0.05
CA VAL C 50 -23.05 -37.18 -0.77
C VAL C 50 -23.42 -38.65 -0.58
N ILE C 51 -24.72 -38.92 -0.59
CA ILE C 51 -25.20 -40.30 -0.54
C ILE C 51 -26.26 -40.51 -1.62
N SER C 52 -26.14 -41.62 -2.35
CA SER C 52 -27.06 -41.93 -3.43
C SER C 52 -28.47 -42.17 -2.90
N PHE C 53 -29.45 -42.12 -3.79
CA PHE C 53 -30.86 -42.29 -3.42
C PHE C 53 -31.13 -43.53 -2.58
N ASP C 54 -30.46 -44.63 -2.91
CA ASP C 54 -30.67 -45.91 -2.24
C ASP C 54 -29.60 -46.21 -1.19
N GLY C 55 -28.75 -45.23 -0.89
CA GLY C 55 -27.74 -45.38 0.16
C GLY C 55 -26.53 -46.23 -0.22
N SER C 56 -26.47 -46.72 -1.45
CA SER C 56 -25.46 -47.71 -1.83
C SER C 56 -24.12 -47.09 -2.19
N ILE C 57 -24.12 -45.83 -2.63
CA ILE C 57 -22.90 -45.14 -3.08
C ILE C 57 -22.71 -43.85 -2.30
N LYS C 58 -21.48 -43.60 -1.87
CA LYS C 58 -21.13 -42.40 -1.11
C LYS C 58 -19.79 -41.84 -1.54
N TYR C 59 -19.65 -40.52 -1.48
CA TYR C 59 -18.36 -39.85 -1.62
C TYR C 59 -18.26 -38.74 -0.57
N SER C 60 -17.04 -38.30 -0.28
CA SER C 60 -16.79 -37.23 0.69
C SER C 60 -15.42 -36.60 0.49
N VAL C 61 -15.20 -35.43 1.11
CA VAL C 61 -13.86 -34.82 1.11
C VAL C 61 -12.90 -35.73 1.87
N ASP C 62 -11.63 -35.66 1.51
CA ASP C 62 -10.60 -36.48 2.18
C ASP C 62 -10.47 -36.13 3.66
N SER C 63 -10.61 -34.87 4.00
CA SER C 63 -10.38 -34.43 5.38
C SER C 63 -11.31 -35.08 6.42
N VAL C 64 -12.43 -35.67 6.00
CA VAL C 64 -13.37 -36.32 6.92
C VAL C 64 -13.37 -37.85 6.83
N LYS C 65 -12.59 -38.42 5.92
CA LYS C 65 -12.58 -39.87 5.77
C LYS C 65 -11.99 -40.54 6.99
N GLY C 66 -12.66 -41.60 7.43
CA GLY C 66 -12.32 -42.28 8.68
C GLY C 66 -12.97 -41.68 9.91
N ARG C 67 -13.52 -40.47 9.78
CA ARG C 67 -14.14 -39.77 10.91
C ARG C 67 -15.66 -39.59 10.75
N PHE C 68 -16.12 -39.20 9.56
CA PHE C 68 -17.53 -38.92 9.36
C PHE C 68 -18.18 -40.06 8.59
N THR C 69 -19.49 -40.21 8.77
CA THR C 69 -20.27 -41.16 7.97
C THR C 69 -21.60 -40.54 7.62
N ILE C 70 -21.86 -40.44 6.33
CA ILE C 70 -23.15 -40.04 5.84
C ILE C 70 -23.99 -41.30 5.69
N SER C 71 -25.25 -41.20 6.10
CA SER C 71 -26.15 -42.33 5.99
C SER C 71 -27.59 -41.83 5.88
N ARG C 72 -28.53 -42.73 5.62
CA ARG C 72 -29.90 -42.31 5.51
C ARG C 72 -30.89 -43.42 5.79
N ASP C 73 -32.08 -43.02 6.21
CA ASP C 73 -33.15 -43.97 6.44
C ASP C 73 -34.33 -43.52 5.61
N ASN C 74 -34.49 -44.14 4.45
CA ASN C 74 -35.59 -43.80 3.56
C ASN C 74 -36.96 -43.97 4.20
N SER C 75 -37.12 -44.98 5.06
CA SER C 75 -38.42 -45.20 5.67
C SER C 75 -38.82 -44.03 6.58
N LYS C 76 -37.83 -43.30 7.11
CA LYS C 76 -38.10 -42.15 7.99
C LYS C 76 -37.90 -40.80 7.31
N ASN C 77 -37.51 -40.79 6.05
CA ASN C 77 -37.29 -39.56 5.32
C ASN C 77 -36.24 -38.68 5.97
N THR C 78 -35.18 -39.31 6.45
CA THR C 78 -34.17 -38.65 7.23
C THR C 78 -32.77 -38.97 6.74
N LEU C 79 -31.97 -37.91 6.64
CA LEU C 79 -30.56 -37.96 6.34
C LEU C 79 -29.76 -37.76 7.63
N PHE C 80 -28.60 -38.42 7.72
CA PHE C 80 -27.74 -38.35 8.90
C PHE C 80 -26.29 -38.05 8.55
N LEU C 81 -25.56 -37.48 9.51
CA LEU C 81 -24.11 -37.39 9.45
C LEU C 81 -23.56 -37.77 10.81
N GLN C 82 -22.90 -38.91 10.89
CA GLN C 82 -22.19 -39.30 12.09
C GLN C 82 -20.81 -38.65 12.05
N MET C 83 -20.52 -37.81 13.03
CA MET C 83 -19.23 -37.13 13.11
C MET C 83 -18.46 -37.67 14.31
N ASN C 84 -17.35 -38.39 14.07
CA ASN C 84 -16.47 -38.87 15.15
C ASN C 84 -15.14 -38.14 15.21
N SER C 85 -14.48 -38.24 16.36
CA SER C 85 -13.23 -37.55 16.66
C SER C 85 -13.19 -36.18 16.00
N LEU C 86 -14.11 -35.34 16.48
CA LEU C 86 -14.23 -33.98 16.00
C LEU C 86 -13.01 -33.13 16.33
N ARG C 87 -12.70 -32.21 15.42
CA ARG C 87 -11.57 -31.30 15.58
C ARG C 87 -12.08 -29.87 15.51
N ALA C 88 -11.20 -28.93 15.87
CA ALA C 88 -11.51 -27.50 15.78
C ALA C 88 -11.93 -27.09 14.36
N GLU C 89 -11.26 -27.65 13.35
CA GLU C 89 -11.59 -27.33 11.95
C GLU C 89 -13.03 -27.73 11.55
N ASP C 90 -13.67 -28.63 12.29
CA ASP C 90 -15.04 -29.05 11.97
C ASP C 90 -16.09 -28.06 12.47
N THR C 91 -15.67 -27.07 13.25
CA THR C 91 -16.63 -26.06 13.71
C THR C 91 -17.25 -25.36 12.51
N ALA C 92 -18.58 -25.40 12.42
CA ALA C 92 -19.29 -24.79 11.29
C ALA C 92 -20.79 -24.90 11.45
N VAL C 93 -21.49 -24.20 10.58
CA VAL C 93 -22.91 -24.46 10.35
C VAL C 93 -22.96 -25.60 9.32
N TYR C 94 -23.80 -26.59 9.56
CA TYR C 94 -23.91 -27.74 8.65
C TYR C 94 -25.30 -27.70 8.01
N TYR C 95 -25.31 -27.68 6.69
CA TYR C 95 -26.54 -27.72 5.91
C TYR C 95 -26.68 -29.08 5.24
N CYS C 96 -27.91 -29.58 5.18
CA CYS C 96 -28.21 -30.68 4.26
C CYS C 96 -28.83 -30.08 2.98
N ALA C 97 -28.66 -30.80 1.88
CA ALA C 97 -29.11 -30.34 0.58
C ALA C 97 -29.48 -31.52 -0.31
N ARG C 98 -30.47 -31.28 -1.17
CA ARG C 98 -31.01 -32.28 -2.06
C ARG C 98 -30.58 -32.03 -3.50
N ASP C 99 -30.11 -33.07 -4.19
CA ASP C 99 -29.91 -33.00 -5.64
C ASP C 99 -31.07 -32.33 -6.36
N ARG C 100 -30.75 -31.62 -7.44
CA ARG C 100 -31.78 -31.02 -8.28
C ARG C 100 -32.69 -32.09 -8.86
N LEU C 101 -32.09 -33.15 -9.40
CA LEU C 101 -32.81 -34.18 -10.13
C LEU C 101 -32.84 -35.49 -9.35
N ASN C 102 -33.94 -36.23 -9.47
CA ASN C 102 -34.02 -37.57 -8.88
C ASN C 102 -33.23 -38.59 -9.71
N TYR C 103 -33.13 -39.82 -9.21
CA TYR C 103 -32.36 -40.88 -9.91
C TYR C 103 -32.85 -41.21 -11.33
N TYR C 104 -34.17 -41.18 -11.55
CA TYR C 104 -34.70 -41.51 -12.89
C TYR C 104 -34.24 -40.47 -13.92
N ASP C 105 -34.57 -39.21 -13.66
CA ASP C 105 -34.20 -38.09 -14.53
C ASP C 105 -32.70 -37.92 -14.73
N SER C 106 -31.88 -38.35 -13.77
CA SER C 106 -30.43 -38.20 -13.86
C SER C 106 -29.69 -39.42 -14.45
N SER C 107 -30.44 -40.47 -14.78
CA SER C 107 -29.87 -41.78 -15.18
C SER C 107 -28.90 -42.35 -14.14
N GLY C 108 -29.28 -42.21 -12.87
CA GLY C 108 -28.47 -42.66 -11.76
C GLY C 108 -29.03 -43.89 -11.05
N TYR C 109 -29.50 -44.86 -11.82
CA TYR C 109 -29.89 -46.15 -11.26
C TYR C 109 -28.69 -46.91 -10.67
N TYR C 110 -27.61 -46.99 -11.44
CA TYR C 110 -26.41 -47.76 -11.06
C TYR C 110 -25.18 -46.89 -10.72
N HIS C 111 -24.93 -45.86 -11.52
CA HIS C 111 -23.81 -44.93 -11.29
C HIS C 111 -24.33 -43.57 -10.82
N TYR C 112 -23.63 -42.93 -9.88
CA TYR C 112 -24.03 -41.60 -9.42
C TYR C 112 -23.46 -40.50 -10.31
N LYS C 113 -24.27 -39.44 -10.49
CA LYS C 113 -24.00 -38.36 -11.42
C LYS C 113 -24.52 -37.05 -10.83
N TYR C 114 -23.63 -36.07 -10.62
CA TYR C 114 -23.99 -34.81 -9.97
C TYR C 114 -24.47 -33.74 -10.98
N TYR C 115 -25.57 -33.06 -10.63
CA TYR C 115 -26.19 -32.04 -11.48
C TYR C 115 -26.65 -30.78 -10.70
N GLY C 116 -26.11 -30.57 -9.50
CA GLY C 116 -26.48 -29.42 -8.66
C GLY C 116 -27.43 -29.74 -7.50
N MET C 117 -27.57 -28.79 -6.58
CA MET C 117 -28.34 -28.93 -5.35
C MET C 117 -29.46 -27.91 -5.23
N ALA C 118 -30.70 -28.35 -5.42
CA ALA C 118 -31.83 -27.43 -5.57
C ALA C 118 -32.45 -27.00 -4.24
N VAL C 119 -32.38 -27.85 -3.23
CA VAL C 119 -33.05 -27.57 -1.97
C VAL C 119 -32.03 -27.62 -0.86
N TRP C 120 -32.02 -26.58 -0.03
CA TRP C 120 -31.12 -26.46 1.11
C TRP C 120 -31.92 -26.31 2.40
N GLY C 121 -31.42 -26.88 3.48
CA GLY C 121 -31.99 -26.63 4.81
C GLY C 121 -31.53 -25.29 5.39
N GLN C 122 -31.94 -25.05 6.63
CA GLN C 122 -31.68 -23.82 7.37
C GLN C 122 -30.31 -23.88 8.09
N GLY C 123 -29.83 -25.09 8.32
CA GLY C 123 -28.56 -25.32 8.99
C GLY C 123 -28.68 -25.60 10.47
N THR C 124 -27.69 -26.29 11.01
CA THR C 124 -27.57 -26.54 12.44
C THR C 124 -26.10 -26.22 12.81
N THR C 125 -25.88 -25.60 13.97
CA THR C 125 -24.54 -25.13 14.36
C THR C 125 -23.74 -26.17 15.17
N VAL C 126 -22.53 -26.47 14.72
CA VAL C 126 -21.64 -27.38 15.44
C VAL C 126 -20.41 -26.60 15.87
N THR C 127 -20.08 -26.69 17.16
CA THR C 127 -18.95 -25.97 17.74
C THR C 127 -18.07 -26.99 18.44
N VAL C 128 -16.84 -27.12 17.97
CA VAL C 128 -15.90 -28.02 18.61
C VAL C 128 -14.93 -27.16 19.42
N SER C 129 -14.94 -27.35 20.75
CA SER C 129 -14.13 -26.56 21.67
C SER C 129 -14.15 -27.07 23.10
N SER C 130 -12.98 -27.03 23.73
CA SER C 130 -12.83 -27.30 25.16
C SER C 130 -12.71 -26.00 25.98
N ALA C 131 -13.02 -24.85 25.38
CA ALA C 131 -13.07 -23.61 26.12
C ALA C 131 -14.01 -23.65 27.33
N SER C 132 -13.58 -23.03 28.42
CA SER C 132 -14.43 -22.80 29.57
C SER C 132 -14.05 -21.45 30.18
N THR C 133 -14.75 -21.06 31.23
CA THR C 133 -14.64 -19.72 31.76
C THR C 133 -13.17 -19.32 32.03
N LYS C 134 -12.74 -18.22 31.42
CA LYS C 134 -11.40 -17.68 31.64
C LYS C 134 -11.43 -16.20 31.40
N GLY C 135 -10.83 -15.46 32.33
CA GLY C 135 -10.68 -14.02 32.26
C GLY C 135 -9.52 -13.62 31.38
N PRO C 136 -9.54 -12.37 30.88
CA PRO C 136 -8.56 -11.98 29.88
C PRO C 136 -7.19 -11.66 30.49
N SER C 137 -6.14 -11.80 29.69
CA SER C 137 -4.86 -11.15 29.92
C SER C 137 -4.88 -9.82 29.16
N VAL C 138 -4.56 -8.71 29.83
CA VAL C 138 -4.60 -7.40 29.20
C VAL C 138 -3.20 -6.81 29.01
N PHE C 139 -2.90 -6.35 27.79
CA PHE C 139 -1.61 -5.73 27.47
C PHE C 139 -1.81 -4.35 26.86
N PRO C 140 -0.88 -3.41 27.10
CA PRO C 140 -0.99 -2.08 26.51
C PRO C 140 -0.63 -2.08 25.03
N LEU C 141 -1.32 -1.24 24.27
CA LEU C 141 -0.94 -0.94 22.89
C LEU C 141 -0.49 0.50 22.95
N ALA C 142 0.80 0.69 23.15
CA ALA C 142 1.34 2.00 23.46
C ALA C 142 1.28 2.91 22.24
N PRO C 143 1.02 4.20 22.46
CA PRO C 143 1.12 5.15 21.38
C PRO C 143 2.57 5.33 20.96
N SER C 144 2.79 5.53 19.67
CA SER C 144 4.12 5.72 19.14
C SER C 144 3.98 6.50 17.86
N SER C 145 5.09 6.78 17.20
CA SER C 145 5.01 7.51 15.93
C SER C 145 4.24 6.68 14.91
N LYS C 146 4.32 5.36 15.04
CA LYS C 146 3.63 4.47 14.12
C LYS C 146 2.10 4.46 14.29
N SER C 147 1.63 4.84 15.47
CA SER C 147 0.20 4.92 15.75
C SER C 147 -0.30 6.37 15.72
N THR C 148 0.55 7.30 15.30
CA THR C 148 0.24 8.73 15.31
C THR C 148 0.26 9.27 13.89
N SER C 149 -0.69 10.15 13.59
CA SER C 149 -0.60 10.98 12.40
C SER C 149 -0.96 12.41 12.76
N GLY C 150 0.03 13.29 12.67
CA GLY C 150 -0.16 14.69 12.99
C GLY C 150 -0.62 14.86 14.43
N GLY C 151 -1.68 15.65 14.63
CA GLY C 151 -2.16 15.99 15.96
C GLY C 151 -2.95 14.90 16.67
N THR C 152 -3.13 13.74 16.03
CA THR C 152 -3.90 12.64 16.61
C THR C 152 -3.10 11.35 16.75
N ALA C 153 -3.16 10.74 17.94
CA ALA C 153 -2.48 9.49 18.22
C ALA C 153 -3.44 8.42 18.67
N ALA C 154 -3.16 7.17 18.29
CA ALA C 154 -3.93 6.02 18.75
C ALA C 154 -3.16 5.25 19.83
N LEU C 155 -3.88 4.81 20.86
CA LEU C 155 -3.34 3.94 21.89
C LEU C 155 -4.46 3.01 22.34
N GLY C 156 -4.13 1.89 22.93
CA GLY C 156 -5.17 0.96 23.29
C GLY C 156 -4.81 -0.11 24.26
N CYS C 157 -5.71 -1.08 24.38
CA CYS C 157 -5.52 -2.26 25.20
C CYS C 157 -5.90 -3.49 24.41
N LEU C 158 -4.99 -4.45 24.42
CA LEU C 158 -5.22 -5.77 23.86
C LEU C 158 -5.72 -6.71 24.96
N VAL C 159 -6.88 -7.31 24.72
CA VAL C 159 -7.58 -8.14 25.69
C VAL C 159 -7.59 -9.58 25.18
N LYS C 160 -6.74 -10.43 25.75
CA LYS C 160 -6.48 -11.74 25.15
C LYS C 160 -7.11 -12.89 25.90
N ASP C 161 -7.54 -13.88 25.11
CA ASP C 161 -7.78 -15.22 25.59
C ASP C 161 -8.79 -15.28 26.72
N TYR C 162 -9.97 -14.72 26.50
CA TYR C 162 -11.04 -14.84 27.47
C TYR C 162 -12.18 -15.71 26.93
N PHE C 163 -13.04 -16.17 27.84
CA PHE C 163 -14.23 -16.92 27.49
C PHE C 163 -15.19 -16.89 28.68
N PRO C 164 -16.49 -16.74 28.44
CA PRO C 164 -17.08 -16.44 27.14
C PRO C 164 -17.29 -14.94 26.96
N GLU C 165 -17.97 -14.54 25.89
CA GLU C 165 -18.36 -13.13 25.71
C GLU C 165 -19.38 -12.79 26.78
N PRO C 166 -19.50 -11.51 27.15
CA PRO C 166 -18.78 -10.42 26.55
C PRO C 166 -17.75 -9.84 27.49
N VAL C 167 -16.87 -9.03 26.93
CA VAL C 167 -16.02 -8.10 27.67
C VAL C 167 -16.48 -6.68 27.31
N THR C 168 -16.53 -5.79 28.30
CA THR C 168 -16.71 -4.36 28.03
C THR C 168 -15.47 -3.55 28.48
N VAL C 169 -15.14 -2.52 27.71
CA VAL C 169 -13.98 -1.68 28.01
C VAL C 169 -14.37 -0.20 28.07
N SER C 170 -14.10 0.45 29.20
CA SER C 170 -14.22 1.89 29.27
C SER C 170 -12.82 2.47 29.38
N TRP C 171 -12.74 3.79 29.30
CA TRP C 171 -11.48 4.51 29.41
C TRP C 171 -11.61 5.61 30.45
N ASN C 172 -10.59 5.71 31.31
CA ASN C 172 -10.60 6.62 32.46
C ASN C 172 -11.92 6.58 33.24
N SER C 173 -12.33 5.36 33.54
CA SER C 173 -13.54 5.05 34.31
C SER C 173 -14.84 5.54 33.66
N GLY C 174 -14.82 5.75 32.35
CA GLY C 174 -15.97 6.26 31.61
C GLY C 174 -16.00 7.76 31.39
N ALA C 175 -14.99 8.48 31.90
CA ALA C 175 -14.87 9.93 31.67
C ALA C 175 -14.39 10.25 30.26
N LEU C 176 -13.72 9.29 29.61
CA LEU C 176 -13.23 9.45 28.24
C LEU C 176 -14.07 8.57 27.33
N THR C 177 -14.93 9.20 26.51
CA THR C 177 -15.83 8.47 25.61
C THR C 177 -15.66 8.81 24.13
N SER C 178 -15.12 9.98 23.81
CA SER C 178 -14.91 10.37 22.40
C SER C 178 -13.68 9.68 21.85
N GLY C 179 -13.80 9.11 20.65
CA GLY C 179 -12.67 8.49 19.98
C GLY C 179 -12.39 7.08 20.47
N VAL C 180 -13.29 6.54 21.30
CA VAL C 180 -13.20 5.16 21.77
C VAL C 180 -13.78 4.25 20.70
N HIS C 181 -13.00 3.24 20.31
CA HIS C 181 -13.47 2.17 19.44
C HIS C 181 -13.03 0.85 20.04
N THR C 182 -13.99 0.11 20.56
CA THR C 182 -13.75 -1.25 20.99
C THR C 182 -14.12 -2.16 19.82
N PHE C 183 -13.14 -2.90 19.31
CA PHE C 183 -13.36 -3.71 18.11
C PHE C 183 -14.05 -5.03 18.48
N PRO C 184 -14.87 -5.56 17.55
CA PRO C 184 -15.45 -6.88 17.79
C PRO C 184 -14.38 -7.93 18.01
N ALA C 185 -14.67 -8.89 18.85
CA ALA C 185 -13.67 -9.88 19.23
C ALA C 185 -13.40 -10.85 18.10
N VAL C 186 -12.22 -11.46 18.13
CA VAL C 186 -11.93 -12.56 17.25
C VAL C 186 -12.14 -13.84 18.04
N LEU C 187 -12.72 -14.85 17.40
CA LEU C 187 -12.90 -16.18 18.00
C LEU C 187 -11.77 -17.04 17.46
N GLN C 188 -10.85 -17.42 18.33
CA GLN C 188 -9.68 -18.17 17.92
C GLN C 188 -9.98 -19.63 17.59
N SER C 189 -8.96 -20.29 17.03
CA SER C 189 -8.95 -21.76 16.89
C SER C 189 -9.41 -22.44 18.17
N SER C 190 -8.78 -22.05 19.26
CA SER C 190 -8.96 -22.64 20.58
C SER C 190 -10.37 -22.52 21.17
N GLY C 191 -11.19 -21.62 20.64
CA GLY C 191 -12.47 -21.28 21.27
C GLY C 191 -12.40 -20.15 22.28
N LEU C 192 -11.20 -19.60 22.52
CA LEU C 192 -11.07 -18.38 23.31
C LEU C 192 -11.19 -17.15 22.41
N TYR C 193 -11.62 -16.04 23.01
CA TYR C 193 -11.76 -14.76 22.31
C TYR C 193 -10.62 -13.81 22.67
N SER C 194 -10.31 -12.91 21.74
CA SER C 194 -9.49 -11.73 22.00
C SER C 194 -10.11 -10.50 21.33
N LEU C 195 -10.01 -9.34 21.97
CA LEU C 195 -10.38 -8.09 21.31
C LEU C 195 -9.37 -6.98 21.59
N SER C 196 -9.45 -5.92 20.80
CA SER C 196 -8.68 -4.71 21.05
C SER C 196 -9.63 -3.54 21.18
N SER C 197 -9.32 -2.67 22.14
CA SER C 197 -10.00 -1.40 22.29
C SER C 197 -8.97 -0.27 22.19
N VAL C 198 -9.29 0.76 21.41
CA VAL C 198 -8.36 1.82 21.07
C VAL C 198 -9.04 3.19 21.24
N VAL C 199 -8.26 4.18 21.59
CA VAL C 199 -8.79 5.52 21.70
C VAL C 199 -7.86 6.49 20.98
N THR C 200 -8.45 7.37 20.17
CA THR C 200 -7.69 8.38 19.47
C THR C 200 -7.74 9.65 20.32
N VAL C 201 -6.58 10.22 20.58
CA VAL C 201 -6.43 11.35 21.48
C VAL C 201 -5.45 12.33 20.88
N PRO C 202 -5.36 13.55 21.44
CA PRO C 202 -4.38 14.50 20.91
C PRO C 202 -2.93 14.06 21.15
N SER C 203 -2.11 14.07 20.10
CA SER C 203 -0.67 13.84 20.21
C SER C 203 -0.03 14.66 21.31
N SER C 204 -0.47 15.90 21.46
CA SER C 204 0.11 16.83 22.43
C SER C 204 -0.20 16.46 23.88
N SER C 205 -1.21 15.62 24.11
CA SER C 205 -1.62 15.24 25.46
C SER C 205 -0.83 14.06 26.05
N LEU C 206 0.03 13.41 25.25
CA LEU C 206 0.59 12.12 25.65
C LEU C 206 1.55 12.22 26.83
N GLY C 207 2.22 13.35 26.97
CA GLY C 207 3.11 13.58 28.12
C GLY C 207 2.41 13.99 29.41
N THR C 208 1.19 14.51 29.28
CA THR C 208 0.45 15.12 30.38
C THR C 208 -0.65 14.21 30.89
N GLN C 209 -1.51 13.78 29.97
CA GLN C 209 -2.77 13.15 30.30
C GLN C 209 -2.59 11.65 30.54
N THR C 210 -3.25 11.17 31.59
CA THR C 210 -3.26 9.76 31.95
C THR C 210 -4.39 9.02 31.25
N TYR C 211 -4.06 7.87 30.66
CA TYR C 211 -5.05 7.06 29.96
C TYR C 211 -5.05 5.64 30.52
N ILE C 212 -6.20 5.21 31.03
CA ILE C 212 -6.33 3.91 31.65
C ILE C 212 -7.52 3.17 31.05
N CYS C 213 -7.28 1.94 30.58
CA CYS C 213 -8.39 1.11 30.13
C CYS C 213 -8.91 0.26 31.29
N ASN C 214 -10.23 0.18 31.38
CA ASN C 214 -10.93 -0.61 32.39
C ASN C 214 -11.60 -1.75 31.68
N VAL C 215 -11.06 -2.94 31.86
CA VAL C 215 -11.59 -4.13 31.21
C VAL C 215 -12.43 -4.92 32.19
N ASN C 216 -13.68 -5.17 31.83
CA ASN C 216 -14.60 -5.88 32.73
C ASN C 216 -15.09 -7.13 32.04
N HIS C 217 -14.80 -8.28 32.65
CA HIS C 217 -15.25 -9.55 32.13
C HIS C 217 -16.14 -10.22 33.20
N LYS C 218 -17.44 -9.93 33.12
CA LYS C 218 -18.39 -10.36 34.13
C LYS C 218 -18.49 -11.87 34.29
N PRO C 219 -18.44 -12.63 33.18
CA PRO C 219 -18.56 -14.08 33.28
C PRO C 219 -17.52 -14.76 34.18
N SER C 220 -16.32 -14.21 34.26
CA SER C 220 -15.29 -14.74 35.16
C SER C 220 -15.15 -13.89 36.40
N ASN C 221 -15.98 -12.84 36.51
CA ASN C 221 -15.85 -11.82 37.54
C ASN C 221 -14.42 -11.32 37.70
N THR C 222 -13.82 -10.95 36.57
CA THR C 222 -12.47 -10.37 36.51
C THR C 222 -12.56 -8.92 36.04
N LYS C 223 -11.83 -8.04 36.70
CA LYS C 223 -11.74 -6.64 36.33
C LYS C 223 -10.25 -6.26 36.26
N VAL C 224 -9.85 -5.61 35.18
CA VAL C 224 -8.46 -5.20 34.99
C VAL C 224 -8.39 -3.73 34.60
N ASP C 225 -7.65 -2.93 35.37
CA ASP C 225 -7.33 -1.55 35.00
C ASP C 225 -5.87 -1.52 34.56
N LYS C 226 -5.61 -0.93 33.39
CA LYS C 226 -4.25 -0.84 32.84
C LYS C 226 -3.97 0.55 32.31
N LYS C 227 -2.91 1.17 32.83
CA LYS C 227 -2.45 2.45 32.31
C LYS C 227 -1.67 2.19 31.02
N VAL C 228 -1.96 2.99 30.01
CA VAL C 228 -1.28 2.87 28.73
C VAL C 228 -0.50 4.16 28.51
N GLU C 229 0.81 4.04 28.36
CA GLU C 229 1.66 5.20 28.15
C GLU C 229 2.74 4.89 27.11
N PRO C 230 3.39 5.94 26.55
CA PRO C 230 4.46 5.73 25.58
C PRO C 230 5.56 4.85 26.14
N LYS C 231 6.31 4.20 25.26
CA LYS C 231 7.43 3.39 25.68
C LYS C 231 8.72 4.21 25.62
N SER C 232 9.65 3.94 26.53
CA SER C 232 10.95 4.63 26.54
C SER C 232 11.94 4.00 25.57
N SER D 2 -9.38 -23.08 -2.35
CA SER D 2 -10.53 -23.78 -3.01
C SER D 2 -10.25 -24.02 -4.50
N VAL D 3 -10.83 -25.10 -5.02
CA VAL D 3 -10.49 -25.61 -6.34
C VAL D 3 -10.98 -24.68 -7.46
N LEU D 4 -12.05 -23.92 -7.20
CA LEU D 4 -12.53 -22.90 -8.13
C LEU D 4 -12.23 -21.53 -7.56
N THR D 5 -11.95 -20.57 -8.44
CA THR D 5 -11.49 -19.24 -8.04
C THR D 5 -12.49 -18.15 -8.39
N GLN D 6 -12.84 -17.35 -7.39
CA GLN D 6 -13.76 -16.23 -7.55
C GLN D 6 -13.16 -15.03 -6.87
N PRO D 7 -13.44 -13.83 -7.38
CA PRO D 7 -12.93 -12.69 -6.61
C PRO D 7 -13.64 -12.60 -5.26
N PRO D 8 -12.95 -12.10 -4.23
CA PRO D 8 -13.56 -12.03 -2.90
C PRO D 8 -14.81 -11.17 -2.85
N SER D 9 -14.84 -10.05 -3.57
CA SER D 9 -15.97 -9.14 -3.53
C SER D 9 -16.16 -8.32 -4.79
N VAL D 10 -17.33 -7.73 -4.90
CA VAL D 10 -17.68 -6.81 -5.97
C VAL D 10 -18.74 -5.88 -5.44
N SER D 11 -18.90 -4.73 -6.07
CA SER D 11 -19.88 -3.76 -5.65
C SER D 11 -20.33 -2.87 -6.80
N ALA D 12 -21.59 -2.47 -6.78
CA ALA D 12 -22.15 -1.55 -7.77
C ALA D 12 -23.38 -0.87 -7.18
N ALA D 13 -23.71 0.30 -7.71
CA ALA D 13 -24.89 1.04 -7.29
C ALA D 13 -26.16 0.33 -7.76
N PRO D 14 -27.31 0.67 -7.15
CA PRO D 14 -28.61 0.20 -7.66
C PRO D 14 -28.83 0.61 -9.12
N GLY D 15 -29.47 -0.28 -9.89
CA GLY D 15 -29.73 -0.06 -11.31
C GLY D 15 -28.62 -0.54 -12.24
N GLN D 16 -27.41 -0.71 -11.71
CA GLN D 16 -26.24 -1.06 -12.53
C GLN D 16 -26.15 -2.56 -12.77
N LYS D 17 -25.14 -2.98 -13.52
CA LYS D 17 -24.87 -4.40 -13.74
C LYS D 17 -23.52 -4.78 -13.14
N VAL D 18 -23.36 -6.06 -12.81
CA VAL D 18 -22.12 -6.58 -12.28
C VAL D 18 -21.86 -7.98 -12.82
N THR D 19 -20.59 -8.36 -12.86
CA THR D 19 -20.19 -9.69 -13.33
C THR D 19 -19.35 -10.36 -12.27
N ILE D 20 -19.49 -11.68 -12.15
CA ILE D 20 -18.72 -12.48 -11.20
C ILE D 20 -18.21 -13.73 -11.92
N SER D 21 -16.88 -13.83 -12.01
CA SER D 21 -16.21 -14.90 -12.71
C SER D 21 -15.82 -16.04 -11.77
N CYS D 22 -15.85 -17.25 -12.31
CA CYS D 22 -15.43 -18.44 -11.59
C CYS D 22 -14.46 -19.20 -12.51
N SER D 23 -13.19 -19.20 -12.15
CA SER D 23 -12.14 -19.88 -12.95
C SER D 23 -11.90 -21.28 -12.40
N GLY D 24 -11.80 -22.26 -13.30
CA GLY D 24 -11.56 -23.64 -12.88
C GLY D 24 -10.49 -24.37 -13.67
N SER D 25 -10.76 -25.63 -14.00
CA SER D 25 -9.86 -26.44 -14.79
C SER D 25 -10.67 -27.45 -15.59
N SER D 26 -10.00 -28.27 -16.39
CA SER D 26 -10.68 -29.22 -17.28
C SER D 26 -11.42 -30.33 -16.52
N SER D 27 -10.81 -30.79 -15.43
CA SER D 27 -11.37 -31.87 -14.60
C SER D 27 -12.69 -31.49 -13.92
N ASN D 28 -12.93 -30.19 -13.74
CA ASN D 28 -14.18 -29.73 -13.14
C ASN D 28 -15.09 -28.93 -14.08
N ILE D 29 -14.92 -27.61 -14.13
CA ILE D 29 -15.73 -26.74 -14.99
C ILE D 29 -15.57 -27.10 -16.47
N GLY D 30 -14.37 -27.52 -16.86
CA GLY D 30 -14.09 -27.83 -18.26
C GLY D 30 -14.86 -29.00 -18.85
N ASN D 31 -15.36 -29.90 -18.01
CA ASN D 31 -16.15 -31.04 -18.52
C ASN D 31 -17.40 -31.41 -17.69
N ASN D 32 -17.87 -30.47 -16.86
CA ASN D 32 -19.09 -30.67 -16.05
C ASN D 32 -19.97 -29.44 -16.08
N TYR D 33 -21.21 -29.60 -15.64
CA TYR D 33 -22.13 -28.48 -15.55
C TYR D 33 -21.89 -27.67 -14.27
N VAL D 34 -21.94 -26.34 -14.41
CA VAL D 34 -21.77 -25.42 -13.31
C VAL D 34 -23.13 -24.95 -12.81
N SER D 35 -23.27 -24.90 -11.50
CA SER D 35 -24.38 -24.23 -10.86
C SER D 35 -23.87 -23.00 -10.12
N TRP D 36 -24.76 -22.07 -9.84
CA TRP D 36 -24.47 -20.89 -9.06
C TRP D 36 -25.47 -20.81 -7.92
N TYR D 37 -25.01 -20.35 -6.77
CA TYR D 37 -25.84 -20.25 -5.57
C TYR D 37 -25.78 -18.85 -4.99
N GLN D 38 -26.91 -18.38 -4.50
CA GLN D 38 -27.02 -17.08 -3.86
C GLN D 38 -27.27 -17.31 -2.40
N GLN D 39 -26.38 -16.82 -1.56
CA GLN D 39 -26.57 -16.90 -0.11
C GLN D 39 -26.89 -15.53 0.44
N LEU D 40 -28.17 -15.25 0.64
CA LEU D 40 -28.59 -13.96 1.19
C LEU D 40 -28.11 -13.88 2.63
N PRO D 41 -27.92 -12.64 3.14
CA PRO D 41 -27.33 -12.52 4.48
C PRO D 41 -28.14 -13.22 5.56
N GLY D 42 -27.46 -14.04 6.37
CA GLY D 42 -28.06 -14.71 7.51
C GLY D 42 -28.78 -16.02 7.21
N THR D 43 -28.75 -16.49 5.98
CA THR D 43 -29.52 -17.67 5.66
C THR D 43 -28.77 -18.63 4.77
N ALA D 44 -29.45 -19.70 4.37
CA ALA D 44 -28.87 -20.75 3.57
C ALA D 44 -28.72 -20.35 2.11
N PRO D 45 -27.85 -21.04 1.38
CA PRO D 45 -27.76 -20.80 -0.06
C PRO D 45 -29.06 -21.17 -0.76
N LYS D 46 -29.29 -20.56 -1.92
CA LYS D 46 -30.43 -20.84 -2.80
C LYS D 46 -29.87 -21.05 -4.19
N LEU D 47 -30.41 -22.02 -4.93
CA LEU D 47 -29.99 -22.27 -6.30
C LEU D 47 -30.41 -21.10 -7.21
N LEU D 48 -29.45 -20.57 -7.99
CA LEU D 48 -29.66 -19.43 -8.91
C LEU D 48 -29.63 -19.81 -10.39
N ILE D 49 -28.58 -20.54 -10.76
CA ILE D 49 -28.37 -21.01 -12.13
C ILE D 49 -27.95 -22.47 -12.06
N TYR D 50 -28.41 -23.27 -13.00
CA TYR D 50 -27.91 -24.63 -13.17
C TYR D 50 -27.61 -24.89 -14.66
N ASP D 51 -26.85 -25.94 -14.93
CA ASP D 51 -26.41 -26.25 -16.29
C ASP D 51 -25.79 -25.03 -16.97
N ASN D 52 -24.93 -24.33 -16.25
CA ASN D 52 -24.20 -23.14 -16.75
C ASN D 52 -25.08 -21.89 -16.88
N ASN D 53 -26.19 -21.99 -17.59
CA ASN D 53 -27.04 -20.85 -17.93
C ASN D 53 -28.56 -20.88 -17.69
N LYS D 54 -29.09 -21.89 -17.00
CA LYS D 54 -30.53 -22.00 -16.81
C LYS D 54 -30.98 -21.54 -15.43
N ARG D 55 -32.10 -20.83 -15.39
CA ARG D 55 -32.67 -20.36 -14.12
C ARG D 55 -33.80 -21.27 -13.69
N PRO D 56 -33.89 -21.58 -12.38
CA PRO D 56 -35.09 -22.26 -11.90
C PRO D 56 -36.20 -21.24 -11.67
N SER D 57 -37.44 -21.73 -11.59
CA SER D 57 -38.62 -20.89 -11.37
C SER D 57 -38.43 -19.90 -10.23
N GLY D 58 -38.96 -18.70 -10.40
CA GLY D 58 -38.90 -17.68 -9.37
C GLY D 58 -37.61 -16.88 -9.34
N ILE D 59 -36.72 -17.11 -10.30
CA ILE D 59 -35.49 -16.33 -10.39
C ILE D 59 -35.53 -15.51 -11.68
N PRO D 60 -35.51 -14.17 -11.55
CA PRO D 60 -35.79 -13.29 -12.67
C PRO D 60 -34.72 -13.30 -13.74
N ASP D 61 -35.09 -12.78 -14.90
CA ASP D 61 -34.20 -12.74 -16.06
C ASP D 61 -33.02 -11.79 -15.86
N ARG D 62 -33.09 -10.96 -14.83
CA ARG D 62 -31.96 -10.14 -14.36
C ARG D 62 -30.65 -10.97 -14.21
N PHE D 63 -30.79 -12.24 -13.81
CA PHE D 63 -29.65 -13.12 -13.57
C PHE D 63 -29.34 -13.98 -14.80
N SER D 64 -28.07 -14.13 -15.14
CA SER D 64 -27.67 -14.97 -16.27
C SER D 64 -26.30 -15.59 -16.02
N GLY D 65 -26.05 -16.74 -16.66
CA GLY D 65 -24.76 -17.40 -16.59
C GLY D 65 -24.14 -17.63 -17.96
N SER D 66 -22.81 -17.67 -18.01
CA SER D 66 -22.08 -17.94 -19.25
C SER D 66 -20.95 -18.91 -18.98
N LYS D 67 -20.60 -19.68 -20.01
CA LYS D 67 -19.55 -20.69 -19.93
C LYS D 67 -18.50 -20.36 -20.97
N SER D 68 -17.23 -20.59 -20.64
CA SER D 68 -16.15 -20.34 -21.58
C SER D 68 -14.94 -21.17 -21.20
N GLY D 69 -14.93 -22.43 -21.68
CA GLY D 69 -13.84 -23.35 -21.39
C GLY D 69 -13.82 -23.76 -19.92
N THR D 70 -12.75 -23.39 -19.23
CA THR D 70 -12.60 -23.67 -17.80
C THR D 70 -13.06 -22.50 -16.92
N SER D 71 -13.74 -21.54 -17.52
CA SER D 71 -14.26 -20.39 -16.80
C SER D 71 -15.77 -20.29 -16.95
N THR D 72 -16.43 -19.67 -15.98
CA THR D 72 -17.86 -19.47 -15.99
C THR D 72 -18.11 -18.09 -15.38
N THR D 73 -19.14 -17.41 -15.87
CA THR D 73 -19.45 -16.07 -15.40
C THR D 73 -20.93 -15.97 -15.03
N LEU D 74 -21.19 -15.32 -13.89
CA LEU D 74 -22.54 -14.97 -13.48
C LEU D 74 -22.73 -13.48 -13.71
N GLY D 75 -23.86 -13.13 -14.34
CA GLY D 75 -24.19 -11.74 -14.65
C GLY D 75 -25.48 -11.34 -13.97
N ILE D 76 -25.51 -10.12 -13.44
CA ILE D 76 -26.69 -9.57 -12.78
C ILE D 76 -26.91 -8.14 -13.27
N THR D 77 -28.10 -7.87 -13.82
CA THR D 77 -28.45 -6.54 -14.31
C THR D 77 -29.57 -5.93 -13.49
N GLY D 78 -29.70 -4.60 -13.55
CA GLY D 78 -30.70 -3.89 -12.78
C GLY D 78 -30.55 -4.23 -11.31
N LEU D 79 -29.40 -3.87 -10.75
CA LEU D 79 -29.10 -4.26 -9.38
C LEU D 79 -30.08 -3.63 -8.40
N GLN D 80 -30.70 -4.48 -7.59
CA GLN D 80 -31.57 -4.08 -6.49
C GLN D 80 -30.89 -4.43 -5.15
N THR D 81 -31.33 -3.79 -4.08
CA THR D 81 -30.75 -4.02 -2.76
C THR D 81 -30.94 -5.46 -2.29
N GLY D 82 -32.07 -6.08 -2.65
CA GLY D 82 -32.32 -7.49 -2.36
C GLY D 82 -31.38 -8.49 -3.00
N ASP D 83 -30.56 -8.04 -3.95
CA ASP D 83 -29.54 -8.90 -4.56
C ASP D 83 -28.24 -8.96 -3.75
N GLU D 84 -28.16 -8.16 -2.68
CA GLU D 84 -26.95 -8.14 -1.86
C GLU D 84 -26.84 -9.48 -1.15
N ALA D 85 -25.72 -10.17 -1.34
CA ALA D 85 -25.59 -11.55 -0.93
C ALA D 85 -24.19 -12.04 -1.24
N ASP D 86 -23.89 -13.27 -0.80
CA ASP D 86 -22.67 -13.98 -1.20
C ASP D 86 -22.96 -15.02 -2.28
N TYR D 87 -22.24 -14.97 -3.39
CA TYR D 87 -22.50 -15.86 -4.54
C TYR D 87 -21.40 -16.90 -4.72
N TYR D 88 -21.80 -18.15 -4.98
CA TYR D 88 -20.88 -19.27 -5.08
C TYR D 88 -21.11 -20.02 -6.40
N CYS D 89 -20.04 -20.37 -7.10
CA CYS D 89 -20.12 -21.29 -8.24
C CYS D 89 -19.87 -22.68 -7.71
N GLY D 90 -20.41 -23.68 -8.40
CA GLY D 90 -20.17 -25.05 -7.99
C GLY D 90 -20.31 -26.05 -9.12
N THR D 91 -19.58 -27.15 -8.99
CA THR D 91 -19.72 -28.27 -9.93
C THR D 91 -19.04 -29.52 -9.35
N TRP D 92 -19.05 -30.60 -10.13
CA TRP D 92 -18.35 -31.83 -9.79
C TRP D 92 -16.94 -31.79 -10.35
N ASP D 93 -15.97 -32.31 -9.59
CA ASP D 93 -14.59 -32.46 -10.06
C ASP D 93 -14.32 -33.94 -10.33
N SER D 94 -14.15 -34.28 -11.61
CA SER D 94 -13.93 -35.68 -12.06
C SER D 94 -12.65 -36.33 -11.51
N ARG D 95 -11.64 -35.52 -11.23
CA ARG D 95 -10.38 -36.02 -10.68
C ARG D 95 -10.57 -36.40 -9.21
N LEU D 96 -11.01 -35.43 -8.41
CA LEU D 96 -11.27 -35.64 -6.98
C LEU D 96 -12.50 -36.52 -6.71
N SER D 97 -13.38 -36.66 -7.70
CA SER D 97 -14.69 -37.30 -7.55
C SER D 97 -15.37 -36.73 -6.26
N ALA D 98 -15.56 -35.42 -6.31
CA ALA D 98 -16.07 -34.64 -5.21
C ALA D 98 -16.76 -33.40 -5.77
N VAL D 99 -17.72 -32.88 -5.03
CA VAL D 99 -18.37 -31.62 -5.37
C VAL D 99 -17.47 -30.48 -4.91
N VAL D 100 -17.32 -29.47 -5.76
CA VAL D 100 -16.43 -28.38 -5.46
C VAL D 100 -17.15 -27.04 -5.56
N PHE D 101 -16.89 -26.17 -4.59
CA PHE D 101 -17.39 -24.81 -4.61
C PHE D 101 -16.24 -23.84 -4.77
N GLY D 102 -16.51 -22.70 -5.39
CA GLY D 102 -15.58 -21.57 -5.32
C GLY D 102 -15.61 -20.94 -3.94
N GLY D 103 -14.65 -20.07 -3.66
CA GLY D 103 -14.50 -19.48 -2.33
C GLY D 103 -15.52 -18.40 -2.02
N GLY D 104 -16.26 -17.96 -3.03
CA GLY D 104 -17.39 -17.07 -2.81
C GLY D 104 -17.08 -15.62 -3.10
N THR D 105 -18.08 -14.90 -3.57
CA THR D 105 -17.93 -13.48 -3.85
C THR D 105 -18.99 -12.71 -3.10
N LYS D 106 -18.54 -11.80 -2.24
CA LYS D 106 -19.46 -10.96 -1.50
C LYS D 106 -19.88 -9.78 -2.36
N LEU D 107 -21.16 -9.72 -2.70
CA LEU D 107 -21.69 -8.61 -3.51
C LEU D 107 -22.31 -7.58 -2.59
N THR D 108 -21.89 -6.33 -2.74
CA THR D 108 -22.50 -5.21 -2.03
C THR D 108 -23.22 -4.31 -3.04
N VAL D 109 -24.45 -3.94 -2.69
CA VAL D 109 -25.20 -2.98 -3.47
C VAL D 109 -25.11 -1.66 -2.71
N LEU D 110 -24.41 -0.69 -3.30
CA LEU D 110 -24.03 0.53 -2.60
C LEU D 110 -25.24 1.27 -2.01
N GLY D 111 -25.26 1.41 -0.69
CA GLY D 111 -26.24 2.25 0.00
C GLY D 111 -25.61 3.54 0.47
N GLN D 112 -24.33 3.71 0.17
CA GLN D 112 -23.50 4.70 0.82
C GLN D 112 -22.27 4.96 -0.03
N PRO D 113 -21.66 6.15 0.06
CA PRO D 113 -20.42 6.31 -0.74
C PRO D 113 -19.32 5.38 -0.27
N LYS D 114 -18.50 4.89 -1.20
CA LYS D 114 -17.35 4.08 -0.83
C LYS D 114 -16.41 4.86 0.09
N ALA D 115 -15.80 4.14 1.02
CA ALA D 115 -14.98 4.76 2.05
C ALA D 115 -13.78 3.87 2.29
N ASN D 116 -12.59 4.46 2.26
CA ASN D 116 -11.34 3.71 2.39
C ASN D 116 -11.02 3.46 3.86
N PRO D 117 -10.42 2.31 4.15
CA PRO D 117 -10.08 1.95 5.53
C PRO D 117 -8.92 2.77 6.11
N THR D 118 -9.02 3.07 7.40
CA THR D 118 -7.89 3.60 8.18
C THR D 118 -7.27 2.39 8.87
N VAL D 119 -5.95 2.27 8.76
CA VAL D 119 -5.25 1.09 9.21
C VAL D 119 -4.19 1.48 10.22
N THR D 120 -4.17 0.78 11.34
CA THR D 120 -3.17 1.00 12.39
C THR D 120 -2.60 -0.35 12.81
N LEU D 121 -1.28 -0.48 12.79
CA LEU D 121 -0.60 -1.70 13.16
C LEU D 121 0.23 -1.51 14.42
N PHE D 122 -0.06 -2.30 15.47
CA PHE D 122 0.70 -2.27 16.72
C PHE D 122 1.61 -3.50 16.85
N PRO D 123 2.84 -3.27 17.33
CA PRO D 123 3.74 -4.40 17.59
C PRO D 123 3.42 -5.02 18.96
N PRO D 124 4.05 -6.16 19.28
CA PRO D 124 3.86 -6.74 20.62
C PRO D 124 4.39 -5.83 21.72
N SER D 125 3.74 -5.77 22.87
CA SER D 125 4.25 -5.03 24.00
C SER D 125 5.40 -5.83 24.63
N SER D 126 6.36 -5.13 25.22
CA SER D 126 7.44 -5.81 25.91
C SER D 126 6.87 -6.68 27.03
N GLU D 127 5.79 -6.21 27.66
CA GLU D 127 5.09 -7.00 28.68
C GLU D 127 4.64 -8.35 28.14
N GLU D 128 4.08 -8.35 26.93
CA GLU D 128 3.65 -9.59 26.32
C GLU D 128 4.83 -10.52 26.02
N LEU D 129 5.93 -9.95 25.55
CA LEU D 129 7.14 -10.71 25.32
C LEU D 129 7.61 -11.38 26.62
N GLN D 130 7.46 -10.70 27.76
CA GLN D 130 7.75 -11.31 29.06
C GLN D 130 6.85 -12.50 29.39
N ALA D 131 5.67 -12.57 28.77
CA ALA D 131 4.75 -13.71 28.94
C ALA D 131 5.03 -14.82 27.95
N ASN D 132 6.14 -14.68 27.22
CA ASN D 132 6.55 -15.61 26.18
C ASN D 132 5.57 -15.72 25.00
N LYS D 133 4.94 -14.60 24.69
CA LYS D 133 4.07 -14.53 23.53
C LYS D 133 4.30 -13.21 22.80
N ALA D 134 3.79 -13.14 21.57
CA ALA D 134 3.94 -11.96 20.74
C ALA D 134 2.77 -11.86 19.77
N THR D 135 2.00 -10.78 19.88
CA THR D 135 0.84 -10.57 19.02
C THR D 135 0.98 -9.23 18.27
N LEU D 136 0.89 -9.25 16.95
CA LEU D 136 0.81 -8.01 16.19
C LEU D 136 -0.67 -7.77 15.92
N VAL D 137 -1.11 -6.52 16.08
CA VAL D 137 -2.51 -6.17 16.02
C VAL D 137 -2.72 -5.15 14.89
N CYS D 138 -3.51 -5.55 13.90
CA CYS D 138 -3.77 -4.73 12.74
C CYS D 138 -5.24 -4.37 12.78
N LEU D 139 -5.53 -3.09 13.01
CA LEU D 139 -6.87 -2.57 13.17
C LEU D 139 -7.28 -1.82 11.92
N ILE D 140 -8.55 -1.99 11.54
CA ILE D 140 -9.05 -1.56 10.23
C ILE D 140 -10.44 -0.98 10.41
N SER D 141 -10.65 0.29 10.10
CA SER D 141 -11.95 0.87 10.37
C SER D 141 -12.41 1.92 9.37
N ASP D 142 -13.70 2.27 9.50
CA ASP D 142 -14.34 3.29 8.66
C ASP D 142 -14.31 2.98 7.17
N PHE D 143 -14.51 1.70 6.82
CA PHE D 143 -14.54 1.33 5.42
C PHE D 143 -15.90 0.85 4.95
N TYR D 144 -16.11 0.97 3.64
CA TYR D 144 -17.34 0.58 2.96
C TYR D 144 -17.02 0.48 1.47
N PRO D 145 -17.31 -0.64 0.82
CA PRO D 145 -18.07 -1.76 1.36
C PRO D 145 -17.37 -2.53 2.46
N GLY D 146 -18.16 -3.30 3.20
CA GLY D 146 -17.67 -4.16 4.28
C GLY D 146 -16.95 -5.41 3.82
N ALA D 147 -15.88 -5.24 3.05
CA ALA D 147 -15.09 -6.36 2.55
C ALA D 147 -13.65 -5.93 2.42
N VAL D 148 -12.76 -6.68 3.07
CA VAL D 148 -11.33 -6.43 2.93
C VAL D 148 -10.58 -7.74 2.82
N THR D 149 -9.40 -7.66 2.23
CA THR D 149 -8.46 -8.75 2.22
C THR D 149 -7.21 -8.29 2.98
N VAL D 150 -6.71 -9.14 3.85
CA VAL D 150 -5.54 -8.84 4.69
C VAL D 150 -4.42 -9.84 4.42
N ALA D 151 -3.24 -9.35 4.10
CA ALA D 151 -2.06 -10.19 3.91
C ALA D 151 -0.97 -9.71 4.83
N TRP D 152 -0.35 -10.66 5.54
CA TRP D 152 0.76 -10.37 6.43
C TRP D 152 2.05 -10.81 5.76
N LYS D 153 3.12 -10.08 6.01
CA LYS D 153 4.41 -10.45 5.50
C LYS D 153 5.50 -10.26 6.54
N ALA D 154 6.55 -11.06 6.41
CA ALA D 154 7.73 -11.02 7.27
C ALA D 154 8.93 -10.81 6.40
N ASP D 155 9.58 -9.66 6.55
CA ASP D 155 10.67 -9.26 5.66
C ASP D 155 10.29 -9.46 4.19
N GLY D 156 9.04 -9.14 3.84
CA GLY D 156 8.56 -9.26 2.47
C GLY D 156 7.89 -10.58 2.06
N SER D 157 8.13 -11.68 2.77
CA SER D 157 7.59 -12.99 2.39
C SER D 157 6.20 -13.19 2.97
N PRO D 158 5.32 -13.90 2.24
CA PRO D 158 3.99 -14.16 2.80
C PRO D 158 4.07 -14.98 4.10
N VAL D 159 3.08 -14.76 4.97
CA VAL D 159 3.00 -15.44 6.25
C VAL D 159 1.56 -15.87 6.46
N LYS D 160 1.28 -17.17 6.41
CA LYS D 160 -0.10 -17.66 6.64
C LYS D 160 -0.30 -18.19 8.07
N ALA D 161 0.71 -18.86 8.61
CA ALA D 161 0.63 -19.40 9.97
C ALA D 161 0.43 -18.28 10.99
N GLY D 162 -0.54 -18.45 11.88
CA GLY D 162 -0.73 -17.58 13.04
C GLY D 162 -1.65 -16.38 12.83
N VAL D 163 -2.38 -16.36 11.71
CA VAL D 163 -3.22 -15.21 11.36
C VAL D 163 -4.67 -15.50 11.71
N GLU D 164 -5.32 -14.58 12.43
CA GLU D 164 -6.76 -14.66 12.68
C GLU D 164 -7.34 -13.29 12.37
N THR D 165 -8.31 -13.27 11.45
CA THR D 165 -8.90 -12.04 10.99
C THR D 165 -10.41 -12.11 11.20
N THR D 166 -10.99 -11.04 11.73
CA THR D 166 -12.42 -11.01 11.96
C THR D 166 -13.14 -10.73 10.64
N LYS D 167 -14.43 -11.06 10.63
CA LYS D 167 -15.33 -10.69 9.55
C LYS D 167 -15.70 -9.23 9.76
N PRO D 168 -15.67 -8.41 8.71
CA PRO D 168 -16.02 -7.01 8.98
C PRO D 168 -17.44 -6.86 9.52
N SER D 169 -17.64 -5.91 10.43
CA SER D 169 -18.97 -5.68 10.99
C SER D 169 -19.25 -4.21 11.19
N LYS D 170 -20.52 -3.85 11.05
CA LYS D 170 -20.94 -2.46 10.93
C LYS D 170 -20.87 -1.79 12.29
N GLN D 171 -20.32 -0.58 12.31
CA GLN D 171 -20.18 0.21 13.55
C GLN D 171 -21.26 1.28 13.62
N SER D 172 -21.25 2.10 14.67
CA SER D 172 -22.32 3.07 14.89
C SER D 172 -22.47 4.12 13.79
N ASN D 173 -21.41 4.40 13.04
CA ASN D 173 -21.48 5.35 11.92
C ASN D 173 -21.80 4.71 10.57
N ASN D 174 -22.18 3.44 10.59
CA ASN D 174 -22.60 2.70 9.39
C ASN D 174 -21.48 2.34 8.41
N LYS D 175 -20.24 2.47 8.85
CA LYS D 175 -19.11 1.91 8.12
C LYS D 175 -18.65 0.68 8.87
N TYR D 176 -17.74 -0.07 8.27
CA TYR D 176 -17.29 -1.33 8.83
C TYR D 176 -15.95 -1.22 9.55
N ALA D 177 -15.71 -2.21 10.40
CA ALA D 177 -14.48 -2.34 11.14
C ALA D 177 -14.10 -3.80 11.15
N ALA D 178 -12.80 -4.08 11.22
CA ALA D 178 -12.29 -5.44 11.37
C ALA D 178 -10.92 -5.35 11.99
N SER D 179 -10.42 -6.50 12.43
CA SER D 179 -9.07 -6.59 12.94
C SER D 179 -8.45 -7.88 12.50
N SER D 180 -7.14 -7.86 12.36
CA SER D 180 -6.38 -9.07 12.09
C SER D 180 -5.24 -9.17 13.12
N TYR D 181 -5.00 -10.37 13.61
CA TYR D 181 -4.00 -10.65 14.62
C TYR D 181 -2.99 -11.65 14.09
N LEU D 182 -1.70 -11.36 14.25
CA LEU D 182 -0.65 -12.32 13.93
C LEU D 182 0.04 -12.77 15.21
N SER D 183 -0.03 -14.07 15.47
CA SER D 183 0.63 -14.66 16.63
C SER D 183 1.98 -15.21 16.22
N LEU D 184 3.00 -14.80 16.95
CA LEU D 184 4.38 -15.27 16.78
C LEU D 184 4.93 -15.73 18.13
N THR D 185 6.01 -16.50 18.11
CA THR D 185 6.85 -16.68 19.29
C THR D 185 7.71 -15.43 19.38
N PRO D 186 8.20 -15.11 20.60
CA PRO D 186 9.14 -14.00 20.72
C PRO D 186 10.39 -14.18 19.86
N GLU D 187 10.78 -15.43 19.65
CA GLU D 187 12.00 -15.74 18.90
C GLU D 187 11.83 -15.35 17.44
N GLN D 188 10.74 -15.75 16.82
CA GLN D 188 10.53 -15.38 15.43
C GLN D 188 10.18 -13.88 15.26
N TRP D 189 9.66 -13.23 16.29
CA TRP D 189 9.45 -11.77 16.25
C TRP D 189 10.78 -11.07 16.08
N LYS D 190 11.73 -11.39 16.95
CA LYS D 190 13.05 -10.75 16.94
C LYS D 190 13.99 -11.22 15.82
N SER D 191 13.66 -12.30 15.14
CA SER D 191 14.54 -12.82 14.08
C SER D 191 14.22 -12.28 12.67
N HIS D 192 13.46 -11.20 12.59
CA HIS D 192 13.16 -10.56 11.31
C HIS D 192 13.40 -9.07 11.44
N ARG D 193 13.71 -8.42 10.34
CA ARG D 193 13.91 -6.97 10.36
C ARG D 193 12.57 -6.25 10.44
N SER D 194 11.54 -6.84 9.83
CA SER D 194 10.28 -6.15 9.59
C SER D 194 9.09 -7.11 9.45
N TYR D 195 7.92 -6.67 9.92
CA TYR D 195 6.64 -7.33 9.64
C TYR D 195 5.66 -6.31 9.11
N SER D 196 4.78 -6.73 8.21
CA SER D 196 3.82 -5.82 7.62
C SER D 196 2.39 -6.38 7.56
N CYS D 197 1.42 -5.48 7.76
CA CYS D 197 0.00 -5.76 7.54
C CYS D 197 -0.43 -5.03 6.27
N GLN D 198 -0.95 -5.75 5.28
CA GLN D 198 -1.39 -5.16 4.02
C GLN D 198 -2.89 -5.39 3.83
N VAL D 199 -3.63 -4.30 3.73
CA VAL D 199 -5.09 -4.31 3.67
C VAL D 199 -5.52 -3.83 2.30
N THR D 200 -6.20 -4.69 1.55
CA THR D 200 -6.72 -4.36 0.22
C THR D 200 -8.21 -4.10 0.32
N HIS D 201 -8.64 -2.97 -0.24
CA HIS D 201 -10.04 -2.58 -0.24
C HIS D 201 -10.41 -1.87 -1.53
N GLU D 202 -11.32 -2.46 -2.30
CA GLU D 202 -11.75 -1.89 -3.59
C GLU D 202 -10.56 -1.35 -4.37
N GLY D 203 -9.60 -2.24 -4.65
CA GLY D 203 -8.45 -1.87 -5.48
C GLY D 203 -7.53 -0.79 -4.93
N SER D 204 -7.77 -0.37 -3.70
CA SER D 204 -6.86 0.54 -2.99
C SER D 204 -6.26 -0.29 -1.86
N THR D 205 -4.96 -0.13 -1.64
CA THR D 205 -4.19 -0.97 -0.74
C THR D 205 -3.36 -0.13 0.22
N VAL D 206 -3.44 -0.47 1.50
CA VAL D 206 -2.64 0.18 2.55
C VAL D 206 -1.81 -0.87 3.28
N GLU D 207 -0.51 -0.58 3.41
CA GLU D 207 0.44 -1.44 4.08
C GLU D 207 1.15 -0.69 5.21
N LYS D 208 1.07 -1.24 6.41
CA LYS D 208 1.74 -0.69 7.58
C LYS D 208 2.79 -1.70 8.01
N THR D 209 3.90 -1.21 8.56
CA THR D 209 5.01 -2.08 8.96
C THR D 209 5.43 -1.79 10.42
N VAL D 210 5.91 -2.81 11.12
CA VAL D 210 6.57 -2.64 12.42
C VAL D 210 7.86 -3.42 12.43
N ALA D 211 8.70 -3.14 13.41
CA ALA D 211 10.02 -3.76 13.51
C ALA D 211 10.40 -3.95 15.00
N PRO D 212 11.05 -5.08 15.34
CA PRO D 212 11.53 -5.33 16.70
C PRO D 212 12.41 -4.20 17.20
N THR D 213 13.28 -3.73 16.33
CA THR D 213 14.19 -2.63 16.61
C THR D 213 13.47 -1.51 17.33
N GLU D 214 12.31 -1.15 16.82
CA GLU D 214 11.48 -0.11 17.44
C GLU D 214 10.91 -0.63 18.78
C1 PDO E . 36.45 11.27 -4.04
O1 PDO E . 35.22 10.54 -4.02
C2 PDO E . 37.59 10.37 -4.49
C3 PDO E . 38.75 11.18 -5.03
O3 PDO E . 39.43 10.40 -6.02
C1 PDO F . 1.25 16.62 -17.55
O1 PDO F . 1.61 17.82 -18.25
C2 PDO F . 2.47 15.71 -17.55
C3 PDO F . 3.54 16.25 -16.61
O3 PDO F . 4.52 15.21 -16.47
P PO4 G . -0.53 21.23 -25.12
O1 PO4 G . -1.23 20.82 -26.39
O2 PO4 G . -0.52 20.05 -24.17
O3 PO4 G . -1.24 22.39 -24.46
O4 PO4 G . 0.91 21.59 -25.44
P PO4 H . 65.82 15.14 -3.07
O1 PO4 H . 65.20 13.77 -3.14
O2 PO4 H . 65.98 15.53 -1.63
O3 PO4 H . 64.91 16.13 -3.78
O4 PO4 H . 67.19 15.11 -3.73
C1 MPD I . -10.48 13.62 -0.76
C2 MPD I . -10.26 12.43 0.16
O2 MPD I . -8.96 12.54 0.77
CM MPD I . -11.28 12.43 1.29
C3 MPD I . -10.39 11.10 -0.60
C4 MPD I . -9.29 10.86 -1.64
O4 MPD I . -7.99 10.94 -1.04
C5 MPD I . -9.42 9.47 -2.26
C1 PDO J . -4.77 14.85 -1.31
O1 PDO J . -4.38 13.63 -1.96
C2 PDO J . -6.07 15.43 -1.86
C3 PDO J . -6.42 16.72 -1.13
O3 PDO J . -6.41 16.51 0.29
P PO4 K . 11.13 20.75 8.47
O1 PO4 K . 9.75 21.34 8.55
O2 PO4 K . 11.21 19.80 7.29
O3 PO4 K . 11.41 19.97 9.74
O4 PO4 K . 12.09 21.89 8.30
P PO4 L . 17.22 13.26 -2.53
O1 PO4 L . 16.87 11.77 -2.51
O2 PO4 L . 18.08 13.61 -1.33
O3 PO4 L . 15.95 14.10 -2.46
O4 PO4 L . 18.00 13.58 -3.80
P PO4 M . 4.78 5.07 9.58
O1 PO4 M . 3.57 4.18 9.62
O2 PO4 M . 4.59 6.24 10.48
O3 PO4 M . 4.96 5.52 8.17
O4 PO4 M . 5.98 4.29 10.03
P PO4 N . 40.47 1.59 2.76
O1 PO4 N . 40.17 0.18 2.28
O2 PO4 N . 40.71 2.48 1.55
O3 PO4 N . 39.27 2.10 3.52
O4 PO4 N . 41.71 1.57 3.64
C1 PDO O . -5.70 -13.93 18.68
O1 PDO O . -5.45 -14.55 17.43
C2 PDO O . -4.45 -13.16 19.06
C3 PDO O . -4.06 -13.35 20.51
O3 PDO O . -5.16 -13.16 21.39
C1 PDO P . -3.91 18.23 12.69
O1 PDO P . -2.51 18.28 12.40
C2 PDO P . -4.45 16.88 12.22
C3 PDO P . -5.02 16.05 13.37
O3 PDO P . -4.93 14.65 13.04
P PO4 Q . -3.18 -16.36 28.48
O1 PO4 Q . -3.90 -17.58 27.98
O2 PO4 Q . -2.68 -15.57 27.29
O3 PO4 Q . -4.08 -15.44 29.28
O4 PO4 Q . -2.02 -16.80 29.35
P PO4 R . -17.86 -41.72 3.17
O1 PO4 R . -19.04 -41.49 4.09
O2 PO4 R . -18.27 -41.58 1.72
O3 PO4 R . -16.80 -40.68 3.44
O4 PO4 R . -17.30 -43.12 3.36
C1 MPD S . -4.95 7.41 14.61
C2 MPD S . -4.56 7.83 13.20
O2 MPD S . -5.48 7.24 12.28
CM MPD S . -4.67 9.34 13.07
C3 MPD S . -3.15 7.38 12.86
C4 MPD S . -2.94 5.86 12.83
O4 MPD S . -3.94 5.24 12.01
C5 MPD S . -1.57 5.52 12.25
C1 PDO T . -9.24 4.33 14.89
O1 PDO T . -9.65 4.91 13.64
C2 PDO T . -8.83 2.89 14.63
C3 PDO T . -7.57 2.81 13.77
O3 PDO T . -7.79 1.95 12.63
P PO4 U . -24.53 -2.73 3.48
O1 PO4 U . -25.63 -3.74 3.72
O2 PO4 U . -24.48 -2.29 2.04
O3 PO4 U . -24.76 -1.52 4.35
O4 PO4 U . -23.24 -3.42 3.80
P PO4 V . -33.95 -12.27 -5.37
O1 PO4 V . -34.47 -12.15 -6.78
O2 PO4 V . -32.54 -11.67 -5.29
O3 PO4 V . -34.90 -11.49 -4.48
O4 PO4 V . -33.91 -13.71 -4.95
#